data_2V43
#
_entry.id   2V43
#
_cell.length_a   98.600
_cell.length_b   200.700
_cell.length_c   109.730
_cell.angle_alpha   90.00
_cell.angle_beta   90.00
_cell.angle_gamma   90.00
#
_symmetry.space_group_name_H-M   'C 2 2 21'
#
loop_
_entity.id
_entity.type
_entity.pdbx_description
1 polymer 'SIGMA-E FACTOR REGULATORY PROTEIN RSEB'
2 non-polymer CYSTEINE
3 water water
#
_entity_poly.entity_id   1
_entity_poly.type   'polypeptide(L)'
_entity_poly.pdbx_seq_one_letter_code
;MATPASGALLQQMNLASQSLNYELSFISINKQGVESLRYRHARLDNRPLAQLLQMDGPRREVVQRGNEISYFEPGLEPFT
LNGDYIVDSLPSLIYTDFKRLSPYYDFISVGRTRIADRLCEVIRVVARDGTRYSYIVWMDTESKLPMRVDLLDRDGETLE
QFRVIAFNVNQDISSSMQTLAKANLPPLLSVPVGEKAKFSWTPTWLPQGFSEVSSSRRPLPTMDNMPIESRLYSDGLFSF
SVNVNRATPSSTDQMLRTGRRTVSTSVRDNAEITIVGELPPQTAKRIAENIKFGAAQHHHHHH
;
_entity_poly.pdbx_strand_id   A,B,C
#
# COMPACT_ATOMS: atom_id res chain seq x y z
N ALA A 5 25.88 6.49 8.38
CA ALA A 5 24.95 7.56 7.86
C ALA A 5 23.68 6.99 7.18
N SER A 6 23.88 6.00 6.32
CA SER A 6 22.83 5.57 5.42
C SER A 6 21.63 4.95 6.10
N GLY A 7 21.87 4.12 7.13
CA GLY A 7 20.82 3.42 7.88
C GLY A 7 19.89 4.35 8.62
N ALA A 8 20.48 5.40 9.20
CA ALA A 8 19.75 6.47 9.91
C ALA A 8 18.85 7.29 8.97
N LEU A 9 19.32 7.54 7.76
CA LEU A 9 18.55 8.20 6.72
C LEU A 9 17.31 7.40 6.34
N LEU A 10 17.46 6.09 6.21
CA LEU A 10 16.39 5.16 5.84
C LEU A 10 15.29 5.05 6.90
N GLN A 11 15.70 5.03 8.17
CA GLN A 11 14.78 5.15 9.31
C GLN A 11 14.01 6.49 9.31
N GLN A 12 14.70 7.58 8.99
CA GLN A 12 14.08 8.90 8.90
C GLN A 12 13.02 8.97 7.77
N MET A 13 13.32 8.31 6.66
CA MET A 13 12.37 8.16 5.57
C MET A 13 11.12 7.37 5.98
N ASN A 14 11.32 6.26 6.69
CA ASN A 14 10.21 5.50 7.27
C ASN A 14 9.32 6.38 8.15
N LEU A 15 9.94 7.12 9.07
CA LEU A 15 9.23 7.98 10.01
C LEU A 15 8.53 9.17 9.34
N ALA A 16 9.18 9.76 8.35
CA ALA A 16 8.61 10.91 7.63
C ALA A 16 7.32 10.52 6.88
N SER A 17 7.34 9.32 6.31
CA SER A 17 6.21 8.78 5.58
C SER A 17 4.97 8.67 6.45
N GLN A 18 5.20 8.55 7.76
CA GLN A 18 4.15 8.26 8.71
C GLN A 18 3.68 9.48 9.47
N SER A 19 4.56 10.49 9.60
CA SER A 19 4.30 11.65 10.43
C SER A 19 3.95 12.95 9.68
N LEU A 20 4.44 13.07 8.45
CA LEU A 20 4.19 14.27 7.66
C LEU A 20 2.81 14.30 6.99
N ASN A 21 2.33 15.51 6.68
CA ASN A 21 1.20 15.68 5.81
C ASN A 21 1.75 15.99 4.42
N TYR A 22 1.34 15.22 3.41
CA TYR A 22 1.89 15.36 2.05
C TYR A 22 1.02 14.75 0.95
N GLU A 23 1.30 15.13 -0.28
CA GLU A 23 0.65 14.53 -1.44
C GLU A 23 1.72 14.21 -2.46
N LEU A 24 1.67 12.99 -2.99
CA LEU A 24 2.56 12.53 -4.07
C LEU A 24 1.75 12.10 -5.29
N SER A 25 1.96 12.74 -6.44
CA SER A 25 1.55 12.18 -7.73
C SER A 25 2.72 11.35 -8.21
N PHE A 26 2.47 10.07 -8.43
CA PHE A 26 3.54 9.20 -8.80
C PHE A 26 3.15 8.21 -9.89
N ILE A 27 4.17 7.54 -10.42
CA ILE A 27 3.95 6.48 -11.38
C ILE A 27 4.54 5.17 -10.88
N SER A 28 3.90 4.08 -11.27
CA SER A 28 4.34 2.77 -10.89
C SER A 28 4.59 2.07 -12.21
N ILE A 29 5.87 1.78 -12.44
CA ILE A 29 6.35 1.15 -13.66
C ILE A 29 6.70 -0.31 -13.38
N ASN A 30 6.18 -1.18 -14.24
CA ASN A 30 6.57 -2.59 -14.28
C ASN A 30 6.42 -3.08 -15.72
N LYS A 31 6.46 -4.41 -15.91
CA LYS A 31 6.37 -4.97 -17.25
C LYS A 31 4.96 -4.89 -17.85
N GLN A 32 3.95 -4.70 -16.99
CA GLN A 32 2.58 -4.46 -17.46
C GLN A 32 2.37 -3.05 -18.03
N GLY A 33 3.19 -2.11 -17.59
CA GLY A 33 3.14 -0.73 -18.08
C GLY A 33 3.36 0.30 -17.00
N VAL A 34 2.85 1.50 -17.24
CA VAL A 34 3.01 2.63 -16.33
C VAL A 34 1.63 3.04 -15.80
N GLU A 35 1.49 3.06 -14.48
CA GLU A 35 0.23 3.42 -13.84
C GLU A 35 0.37 4.76 -13.07
N SER A 36 -0.61 5.65 -13.24
CA SER A 36 -0.64 6.97 -12.59
C SER A 36 -1.50 6.93 -11.33
N LEU A 37 -0.91 7.38 -10.23
CA LEU A 37 -1.49 7.25 -8.91
C LEU A 37 -1.25 8.55 -8.15
N ARG A 38 -2.15 8.86 -7.22
CA ARG A 38 -1.97 9.98 -6.31
C ARG A 38 -2.14 9.50 -4.89
N TYR A 39 -1.17 9.78 -4.04
CA TYR A 39 -1.24 9.38 -2.64
C TYR A 39 -1.20 10.60 -1.73
N ARG A 40 -2.20 10.75 -0.88
CA ARG A 40 -2.24 11.80 0.13
C ARG A 40 -2.08 11.17 1.49
N HIS A 41 -1.30 11.80 2.35
CA HIS A 41 -1.14 11.31 3.70
C HIS A 41 -1.22 12.46 4.71
N ALA A 42 -1.85 12.20 5.86
CA ALA A 42 -1.90 13.18 6.94
C ALA A 42 -1.97 12.49 8.29
N ARG A 43 -1.60 13.23 9.33
CA ARG A 43 -1.77 12.75 10.70
C ARG A 43 -2.65 13.74 11.47
N LEU A 44 -3.82 13.27 11.88
CA LEU A 44 -4.71 14.07 12.71
C LEU A 44 -4.97 13.36 14.04
N ASP A 45 -4.61 14.05 15.12
CA ASP A 45 -4.78 13.53 16.49
C ASP A 45 -4.04 12.18 16.69
N ASN A 46 -2.82 12.11 16.15
CA ASN A 46 -1.98 10.89 16.20
C ASN A 46 -2.60 9.71 15.45
N ARG A 47 -3.47 10.03 14.49
CA ARG A 47 -4.18 9.04 13.70
C ARG A 47 -3.82 9.21 12.23
N PRO A 48 -3.40 8.12 11.57
CA PRO A 48 -3.04 8.17 10.16
C PRO A 48 -4.26 8.36 9.27
N LEU A 49 -4.17 9.29 8.33
CA LEU A 49 -5.20 9.50 7.31
C LEU A 49 -4.52 9.40 5.93
N ALA A 50 -5.16 8.71 4.99
CA ALA A 50 -4.57 8.53 3.67
C ALA A 50 -5.63 8.29 2.58
N GLN A 51 -5.27 8.68 1.36
CA GLN A 51 -6.06 8.40 0.16
C GLN A 51 -5.14 7.95 -0.96
N LEU A 52 -5.51 6.87 -1.65
CA LEU A 52 -4.82 6.48 -2.86
C LEU A 52 -5.82 6.60 -3.99
N LEU A 53 -5.54 7.52 -4.91
CA LEU A 53 -6.43 7.72 -6.04
C LEU A 53 -5.77 7.22 -7.30
N GLN A 54 -6.56 6.54 -8.09
CA GLN A 54 -6.13 6.12 -9.39
C GLN A 54 -6.73 6.95 -10.51
N MET A 55 -5.96 7.47 -11.47
CA MET A 55 -5.72 8.88 -11.67
C MET A 55 -6.25 8.91 -13.13
N ASP A 56 -6.08 7.76 -13.80
CA ASP A 56 -6.59 7.52 -15.16
C ASP A 56 -7.56 6.36 -15.14
N GLY A 57 -8.51 6.36 -16.07
CA GLY A 57 -9.47 5.28 -16.20
C GLY A 57 -10.57 5.40 -15.18
N PRO A 58 -11.14 4.25 -14.72
CA PRO A 58 -12.18 4.24 -13.69
C PRO A 58 -11.69 4.81 -12.36
N ARG A 59 -12.58 5.52 -11.66
CA ARG A 59 -12.21 6.18 -10.41
C ARG A 59 -12.15 5.23 -9.19
N ARG A 60 -11.12 4.40 -9.16
CA ARG A 60 -10.80 3.56 -8.00
C ARG A 60 -10.11 4.41 -6.94
N GLU A 61 -10.65 4.38 -5.73
CA GLU A 61 -10.10 5.12 -4.62
C GLU A 61 -10.06 4.23 -3.38
N VAL A 62 -8.97 4.32 -2.61
CA VAL A 62 -8.85 3.62 -1.35
C VAL A 62 -8.42 4.63 -0.27
N VAL A 63 -9.15 4.64 0.85
CA VAL A 63 -8.86 5.55 1.94
C VAL A 63 -8.53 4.79 3.23
N GLN A 64 -7.66 5.38 4.04
CA GLN A 64 -7.32 4.87 5.36
C GLN A 64 -7.69 5.88 6.43
N ARG A 65 -8.39 5.41 7.46
CA ARG A 65 -8.62 6.15 8.71
C ARG A 65 -8.21 5.26 9.87
N GLY A 66 -7.09 5.57 10.53
CA GLY A 66 -6.53 4.65 11.56
C GLY A 66 -6.05 3.54 10.67
N ASN A 67 -6.86 2.51 10.42
CA ASN A 67 -6.81 1.18 10.99
C ASN A 67 -7.77 0.42 10.07
N GLU A 68 -8.77 1.15 9.61
CA GLU A 68 -9.67 0.68 8.59
C GLU A 68 -9.40 1.33 7.25
N ILE A 69 -9.44 0.47 6.24
CA ILE A 69 -9.11 0.73 4.85
C ILE A 69 -10.38 0.49 4.04
N SER A 70 -10.90 1.57 3.46
CA SER A 70 -12.14 1.55 2.71
C SER A 70 -11.91 1.64 1.19
N TYR A 71 -12.59 0.76 0.45
CA TYR A 71 -12.39 0.63 -1.00
C TYR A 71 -13.59 1.16 -1.76
N PHE A 72 -13.34 2.05 -2.72
CA PHE A 72 -14.38 2.66 -3.54
C PHE A 72 -14.10 2.40 -5.01
N GLU A 73 -15.15 2.10 -5.74
CA GLU A 73 -15.08 1.80 -7.17
C GLU A 73 -16.46 1.96 -7.77
N PRO A 74 -16.60 2.81 -8.81
CA PRO A 74 -17.89 3.05 -9.47
C PRO A 74 -18.62 1.76 -9.81
N GLY A 75 -19.90 1.68 -9.47
CA GLY A 75 -20.73 0.51 -9.79
C GLY A 75 -20.71 -0.59 -8.74
N LEU A 76 -19.59 -0.70 -8.03
CA LEU A 76 -19.39 -1.69 -6.98
C LEU A 76 -19.75 -1.13 -5.60
N GLU A 77 -19.92 -2.03 -4.64
CA GLU A 77 -20.32 -1.63 -3.31
C GLU A 77 -19.11 -1.44 -2.40
N PRO A 78 -18.96 -0.22 -1.85
CA PRO A 78 -17.84 0.15 -0.96
C PRO A 78 -17.74 -0.76 0.27
N PHE A 79 -16.52 -1.16 0.61
CA PHE A 79 -16.31 -2.03 1.77
C PHE A 79 -15.04 -1.68 2.53
N THR A 80 -15.05 -1.97 3.82
CA THR A 80 -13.98 -1.59 4.73
C THR A 80 -13.32 -2.82 5.34
N LEU A 81 -12.00 -2.89 5.23
CA LEU A 81 -11.24 -3.98 5.83
C LEU A 81 -10.33 -3.37 6.90
N ASN A 82 -9.66 -4.23 7.67
CA ASN A 82 -8.67 -3.78 8.64
C ASN A 82 -7.28 -3.83 8.02
N GLY A 83 -6.48 -2.81 8.28
CA GLY A 83 -5.15 -2.77 7.74
C GLY A 83 -4.41 -1.58 8.27
N ASP A 84 -3.10 -1.73 8.34
CA ASP A 84 -2.21 -0.69 8.84
C ASP A 84 -1.72 0.17 7.67
N TYR A 85 -1.91 -0.32 6.44
CA TYR A 85 -1.48 0.38 5.23
C TYR A 85 -2.51 0.25 4.10
N ILE A 86 -2.36 1.09 3.07
CA ILE A 86 -3.11 0.93 1.83
C ILE A 86 -2.24 0.12 0.88
N VAL A 87 -2.73 -1.05 0.50
CA VAL A 87 -1.98 -1.96 -0.36
C VAL A 87 -1.70 -1.28 -1.71
N ASP A 88 -0.43 -1.32 -2.12
CA ASP A 88 0.02 -0.80 -3.42
C ASP A 88 -0.10 0.72 -3.53
N SER A 89 0.23 1.40 -2.45
CA SER A 89 0.37 2.82 -2.42
C SER A 89 1.89 3.09 -2.51
N LEU A 90 2.53 3.41 -1.38
CA LEU A 90 3.99 3.49 -1.29
C LEU A 90 4.59 2.08 -1.38
N PRO A 91 5.84 1.96 -1.87
CA PRO A 91 6.45 0.62 -1.84
C PRO A 91 6.59 0.07 -0.41
N SER A 92 6.60 -1.25 -0.26
CA SER A 92 6.69 -1.85 1.06
C SER A 92 8.04 -1.61 1.75
N LEU A 93 9.03 -1.19 0.97
CA LEU A 93 10.35 -0.81 1.46
C LEU A 93 10.25 0.28 2.52
N ILE A 94 9.36 1.23 2.27
CA ILE A 94 9.13 2.40 3.11
C ILE A 94 8.61 2.05 4.50
N TYR A 95 8.04 0.85 4.63
CA TYR A 95 7.56 0.38 5.91
C TYR A 95 8.60 -0.42 6.71
N THR A 96 9.81 -0.54 6.21
CA THR A 96 10.81 -1.45 6.79
C THR A 96 11.28 -0.92 8.13
N ASP A 97 11.56 -1.84 9.06
CA ASP A 97 12.33 -1.52 10.27
C ASP A 97 13.79 -1.71 9.91
N PHE A 98 14.41 -0.63 9.45
CA PHE A 98 15.76 -0.72 8.94
C PHE A 98 16.80 -1.14 9.97
N LYS A 99 16.48 -0.89 11.24
CA LYS A 99 17.31 -1.29 12.37
C LYS A 99 17.39 -2.82 12.49
N ARG A 100 16.26 -3.51 12.35
CA ARG A 100 16.27 -4.98 12.29
C ARG A 100 17.15 -5.52 11.15
N LEU A 101 17.10 -4.86 9.99
CA LEU A 101 17.81 -5.28 8.79
C LEU A 101 19.29 -5.10 8.87
N SER A 102 19.70 -4.07 9.59
CA SER A 102 21.08 -3.56 9.59
C SER A 102 22.23 -4.56 9.81
N PRO A 103 22.03 -5.64 10.59
CA PRO A 103 23.17 -6.55 10.68
C PRO A 103 23.41 -7.43 9.43
N TYR A 104 22.38 -7.63 8.59
CA TYR A 104 22.51 -8.52 7.44
C TYR A 104 22.28 -7.84 6.07
N TYR A 105 22.09 -6.53 6.10
CA TYR A 105 22.04 -5.73 4.89
C TYR A 105 23.13 -4.67 4.94
N ASP A 106 23.60 -4.27 3.78
CA ASP A 106 24.46 -3.10 3.62
C ASP A 106 23.58 -1.98 3.12
N PHE A 107 23.69 -0.82 3.78
CA PHE A 107 23.14 0.42 3.29
C PHE A 107 24.28 1.24 2.66
N ILE A 108 24.20 1.45 1.34
CA ILE A 108 25.29 2.03 0.58
C ILE A 108 24.95 3.40 -0.05
N SER A 109 25.70 4.41 0.36
CA SER A 109 25.55 5.73 -0.19
C SER A 109 26.14 5.77 -1.58
N VAL A 110 25.31 6.19 -2.53
CA VAL A 110 25.67 6.16 -3.92
C VAL A 110 25.72 7.58 -4.49
N GLY A 111 25.42 8.56 -3.64
CA GLY A 111 25.56 9.97 -4.01
C GLY A 111 24.26 10.71 -3.94
N ARG A 112 24.13 11.76 -4.74
CA ARG A 112 22.85 12.43 -4.90
C ARG A 112 22.53 12.98 -6.27
N THR A 113 21.25 13.09 -6.57
CA THR A 113 20.72 13.54 -7.86
C THR A 113 19.39 14.21 -7.61
N ARG A 114 18.75 14.72 -8.66
CA ARG A 114 17.39 15.18 -8.51
C ARG A 114 16.36 14.22 -9.05
N ILE A 115 15.23 14.17 -8.35
CA ILE A 115 14.02 13.51 -8.79
C ILE A 115 12.94 14.52 -8.53
N ALA A 116 12.05 14.73 -9.50
CA ALA A 116 10.97 15.73 -9.42
C ALA A 116 11.45 17.14 -9.04
N ASP A 117 12.62 17.54 -9.56
CA ASP A 117 13.21 18.86 -9.28
C ASP A 117 13.62 19.03 -7.81
N ARG A 118 13.78 17.93 -7.09
CA ARG A 118 14.19 17.96 -5.69
C ARG A 118 15.49 17.19 -5.56
N LEU A 119 16.45 17.75 -4.82
CA LEU A 119 17.72 17.06 -4.55
C LEU A 119 17.48 15.88 -3.62
N CYS A 120 18.09 14.74 -3.96
CA CYS A 120 17.83 13.45 -3.32
C CYS A 120 19.10 12.75 -2.89
N GLU A 121 19.08 12.12 -1.71
CA GLU A 121 20.12 11.18 -1.33
C GLU A 121 19.81 9.82 -1.95
N VAL A 122 20.82 9.22 -2.59
CA VAL A 122 20.66 7.93 -3.25
C VAL A 122 21.34 6.84 -2.42
N ILE A 123 20.60 5.77 -2.15
CA ILE A 123 21.04 4.72 -1.22
C ILE A 123 20.66 3.34 -1.72
N ARG A 124 21.65 2.46 -1.85
CA ARG A 124 21.41 1.05 -2.16
C ARG A 124 21.16 0.20 -0.89
N VAL A 125 20.11 -0.64 -0.95
CA VAL A 125 19.82 -1.60 0.14
C VAL A 125 20.09 -2.99 -0.43
N VAL A 126 21.16 -3.62 0.06
CA VAL A 126 21.63 -4.91 -0.44
C VAL A 126 21.91 -5.90 0.71
N ALA A 127 21.35 -7.09 0.61
CA ALA A 127 21.68 -8.19 1.51
C ALA A 127 23.14 -8.64 1.33
N ARG A 128 23.85 -8.80 2.45
CA ARG A 128 25.30 -9.06 2.42
C ARG A 128 25.69 -10.38 1.77
N ASP A 129 24.86 -11.40 1.94
CA ASP A 129 25.16 -12.76 1.44
C ASP A 129 24.85 -12.99 -0.04
N GLY A 130 24.47 -11.91 -0.74
CA GLY A 130 24.18 -11.94 -2.17
C GLY A 130 22.99 -12.80 -2.58
N THR A 131 22.09 -13.10 -1.66
CA THR A 131 21.02 -14.08 -1.91
C THR A 131 19.68 -13.46 -2.37
N ARG A 132 19.58 -12.15 -2.30
CA ARG A 132 18.29 -11.49 -2.45
C ARG A 132 18.28 -10.45 -3.53
N TYR A 133 17.07 -10.04 -3.95
CA TYR A 133 16.88 -8.81 -4.69
C TYR A 133 17.39 -7.65 -3.87
N SER A 134 17.71 -6.55 -4.55
CA SER A 134 18.10 -5.34 -3.85
C SER A 134 17.22 -4.12 -4.24
N TYR A 135 17.32 -3.05 -3.45
CA TYR A 135 16.67 -1.75 -3.73
C TYR A 135 17.80 -0.81 -4.12
N ILE A 136 17.57 0.17 -4.98
CA ILE A 136 17.76 1.57 -4.66
C ILE A 136 16.66 2.58 -4.40
N VAL A 137 16.97 3.47 -3.45
CA VAL A 137 16.09 4.53 -3.03
C VAL A 137 16.71 5.91 -3.24
N TRP A 138 15.90 6.80 -3.81
CA TRP A 138 16.16 8.23 -3.87
C TRP A 138 15.22 8.85 -2.86
N MET A 139 15.76 9.54 -1.86
CA MET A 139 14.92 10.21 -0.85
C MET A 139 15.15 11.72 -0.82
N ASP A 140 14.08 12.48 -0.65
CA ASP A 140 14.15 13.94 -0.60
C ASP A 140 15.08 14.38 0.55
N THR A 141 16.12 15.16 0.26
CA THR A 141 17.06 15.57 1.31
C THR A 141 16.43 16.40 2.44
N GLU A 142 15.44 17.21 2.08
CA GLU A 142 14.75 18.08 3.02
C GLU A 142 13.75 17.28 3.89
N SER A 143 12.74 16.69 3.25
CA SER A 143 11.67 16.05 4.00
C SER A 143 11.94 14.59 4.35
N LYS A 144 12.91 13.99 3.65
CA LYS A 144 13.21 12.56 3.74
C LYS A 144 12.14 11.65 3.11
N LEU A 145 11.15 12.21 2.41
CA LEU A 145 10.12 11.38 1.76
C LEU A 145 10.71 10.65 0.56
N PRO A 146 10.22 9.43 0.25
CA PRO A 146 10.80 8.68 -0.88
C PRO A 146 10.39 9.29 -2.20
N MET A 147 11.36 9.44 -3.11
CA MET A 147 11.12 10.09 -4.38
C MET A 147 11.17 9.09 -5.54
N ARG A 148 11.96 8.04 -5.38
CA ARG A 148 12.01 6.95 -6.34
C ARG A 148 12.47 5.69 -5.62
N VAL A 149 11.89 4.55 -5.98
CA VAL A 149 12.35 3.27 -5.45
C VAL A 149 12.43 2.27 -6.60
N ASP A 150 13.62 1.69 -6.83
CA ASP A 150 13.78 0.58 -7.78
C ASP A 150 14.02 -0.73 -7.06
N LEU A 151 13.26 -1.76 -7.43
CA LEU A 151 13.53 -3.11 -7.01
C LEU A 151 14.29 -3.77 -8.13
N LEU A 152 15.44 -4.35 -7.79
CA LEU A 152 16.37 -4.91 -8.75
C LEU A 152 16.56 -6.39 -8.56
N ASP A 153 16.54 -7.13 -9.66
CA ASP A 153 16.96 -8.50 -9.58
C ASP A 153 18.47 -8.56 -9.39
N ARG A 154 19.01 -9.74 -9.18
CA ARG A 154 20.43 -9.86 -8.91
C ARG A 154 21.34 -9.51 -10.09
N ASP A 155 20.79 -9.59 -11.30
CA ASP A 155 21.51 -9.17 -12.51
C ASP A 155 21.42 -7.66 -12.73
N GLY A 156 20.74 -6.96 -11.82
CA GLY A 156 20.67 -5.51 -11.83
C GLY A 156 19.54 -4.95 -12.67
N GLU A 157 18.77 -5.83 -13.31
CA GLU A 157 17.62 -5.40 -14.12
C GLU A 157 16.50 -4.99 -13.16
N THR A 158 15.75 -3.94 -13.51
CA THR A 158 14.71 -3.45 -12.62
C THR A 158 13.39 -4.21 -12.78
N LEU A 159 12.83 -4.62 -11.65
CA LEU A 159 11.58 -5.40 -11.60
C LEU A 159 10.39 -4.46 -11.40
N GLU A 160 10.59 -3.46 -10.55
CA GLU A 160 9.57 -2.49 -10.20
C GLU A 160 10.22 -1.14 -10.01
N GLN A 161 9.58 -0.10 -10.52
CA GLN A 161 10.00 1.27 -10.22
C GLN A 161 8.84 2.16 -9.75
N PHE A 162 9.09 2.89 -8.67
CA PHE A 162 8.18 3.88 -8.19
C PHE A 162 8.85 5.23 -8.16
N ARG A 163 8.16 6.31 -8.54
CA ARG A 163 8.72 7.51 -9.25
C ARG A 163 7.58 8.44 -8.86
N VAL A 164 7.77 9.28 -7.85
CA VAL A 164 7.32 10.64 -7.92
C VAL A 164 7.63 11.74 -8.84
N ILE A 165 6.61 12.56 -9.14
CA ILE A 165 6.39 13.16 -10.47
C ILE A 165 6.10 14.60 -9.96
N ALA A 166 5.15 14.71 -9.04
CA ALA A 166 4.97 15.89 -8.18
C ALA A 166 4.39 15.52 -6.82
N PHE A 167 4.36 16.42 -5.86
CA PHE A 167 5.24 16.55 -4.71
C PHE A 167 4.88 17.80 -3.90
N ASN A 168 4.13 17.63 -2.83
CA ASN A 168 3.98 18.70 -1.85
C ASN A 168 3.86 18.25 -0.41
N VAL A 169 4.45 19.04 0.47
CA VAL A 169 4.43 18.80 1.91
C VAL A 169 3.65 19.93 2.57
N ASN A 170 2.65 19.57 3.38
CA ASN A 170 1.79 20.55 4.07
C ASN A 170 2.06 20.65 5.57
N GLN A 171 2.08 21.87 6.09
CA GLN A 171 2.19 22.08 7.53
C GLN A 171 0.84 21.83 8.17
N ASP A 172 -0.19 22.45 7.62
CA ASP A 172 -1.53 22.29 8.12
C ASP A 172 -2.25 21.22 7.30
N ILE A 173 -2.90 20.32 8.02
CA ILE A 173 -3.74 19.27 7.41
C ILE A 173 -4.75 19.89 6.42
N SER A 174 -4.78 19.38 5.20
CA SER A 174 -5.60 19.92 4.12
C SER A 174 -7.10 19.72 4.34
N SER A 175 -7.91 20.40 3.54
CA SER A 175 -9.38 20.32 3.64
C SER A 175 -9.91 18.90 3.48
N SER A 176 -9.56 18.24 2.37
CA SER A 176 -10.02 16.88 2.08
C SER A 176 -9.59 15.84 3.13
N MET A 177 -8.46 16.08 3.79
CA MET A 177 -8.01 15.20 4.87
C MET A 177 -8.81 15.43 6.14
N GLN A 178 -9.14 16.69 6.42
CA GLN A 178 -10.05 17.01 7.51
C GLN A 178 -11.42 16.44 7.23
N THR A 179 -11.88 16.58 5.99
CA THR A 179 -13.15 16.00 5.55
C THR A 179 -13.11 14.47 5.63
N LEU A 180 -11.96 13.88 5.32
CA LEU A 180 -11.81 12.44 5.44
C LEU A 180 -11.98 11.98 6.88
N ALA A 181 -11.41 12.74 7.81
CA ALA A 181 -11.43 12.41 9.22
C ALA A 181 -12.84 12.27 9.78
N LYS A 182 -13.73 13.18 9.37
CA LYS A 182 -15.09 13.27 9.90
C LYS A 182 -16.12 12.48 9.07
N ALA A 183 -15.66 11.88 7.97
CA ALA A 183 -16.55 11.32 6.95
C ALA A 183 -17.35 10.11 7.42
N ASN A 184 -18.47 9.88 6.75
CA ASN A 184 -19.28 8.68 6.97
C ASN A 184 -18.83 7.61 5.99
N LEU A 185 -18.19 6.57 6.54
CA LEU A 185 -17.59 5.53 5.70
C LEU A 185 -18.25 4.19 5.99
N PRO A 186 -18.30 3.29 4.98
CA PRO A 186 -18.82 1.94 5.16
C PRO A 186 -18.37 1.32 6.48
N PRO A 187 -19.32 0.82 7.30
CA PRO A 187 -19.00 0.16 8.56
C PRO A 187 -18.04 -1.02 8.41
N SER A 200 8.80 -33.12 10.89
CA SER A 200 9.07 -34.08 9.82
C SER A 200 9.92 -33.48 8.69
N TRP A 201 10.15 -32.16 8.76
CA TRP A 201 11.13 -31.49 7.89
C TRP A 201 11.53 -30.13 8.39
N THR A 202 12.81 -29.81 8.23
CA THR A 202 13.36 -28.48 8.53
C THR A 202 14.18 -28.03 7.33
N PRO A 203 14.12 -26.72 6.99
CA PRO A 203 15.07 -26.07 6.06
C PRO A 203 16.36 -25.67 6.77
N THR A 204 17.45 -26.18 6.22
CA THR A 204 18.72 -26.38 6.90
C THR A 204 19.64 -25.24 6.48
N TRP A 205 19.38 -24.71 5.29
CA TRP A 205 19.97 -23.44 4.88
C TRP A 205 18.90 -22.38 4.60
N LEU A 206 19.04 -21.24 5.27
CA LEU A 206 18.26 -20.05 4.94
C LEU A 206 19.20 -18.89 4.75
N PRO A 207 18.83 -17.93 3.89
CA PRO A 207 19.60 -16.69 3.80
C PRO A 207 19.60 -15.96 5.14
N GLN A 208 20.68 -15.24 5.44
CA GLN A 208 20.86 -14.57 6.72
C GLN A 208 19.77 -13.54 6.98
N GLY A 209 19.15 -13.64 8.15
CA GLY A 209 18.14 -12.68 8.56
C GLY A 209 16.71 -13.15 8.41
N PHE A 210 16.50 -14.21 7.65
CA PHE A 210 15.17 -14.82 7.52
C PHE A 210 14.84 -15.64 8.75
N SER A 211 13.64 -15.43 9.29
CA SER A 211 13.14 -16.30 10.35
C SER A 211 11.67 -16.64 10.12
N GLU A 212 11.21 -17.71 10.76
CA GLU A 212 9.86 -18.20 10.54
C GLU A 212 8.81 -17.32 11.21
N VAL A 213 7.78 -16.98 10.46
CA VAL A 213 6.67 -16.17 10.95
C VAL A 213 5.53 -17.08 11.39
N SER A 230 3.12 -25.82 5.40
CA SER A 230 3.70 -24.52 5.03
C SER A 230 4.47 -23.88 6.17
N ARG A 231 5.56 -23.22 5.83
CA ARG A 231 6.21 -22.37 6.78
C ARG A 231 6.53 -21.07 6.07
N LEU A 232 6.09 -19.96 6.67
CA LEU A 232 6.35 -18.62 6.14
C LEU A 232 7.57 -17.98 6.79
N TYR A 233 8.40 -17.34 5.96
CA TYR A 233 9.65 -16.75 6.39
C TYR A 233 9.72 -15.29 5.94
N SER A 234 10.34 -14.45 6.78
CA SER A 234 10.57 -13.06 6.46
C SER A 234 11.90 -12.57 7.05
N ASP A 235 12.53 -11.60 6.39
CA ASP A 235 13.74 -10.94 6.91
C ASP A 235 13.44 -9.48 7.28
N GLY A 236 12.15 -9.14 7.23
CA GLY A 236 11.64 -7.84 7.57
C GLY A 236 11.40 -7.02 6.32
N LEU A 237 11.84 -7.53 5.18
CA LEU A 237 11.72 -6.87 3.88
C LEU A 237 11.08 -7.78 2.82
N PHE A 238 11.63 -8.98 2.68
CA PHE A 238 11.16 -9.99 1.71
C PHE A 238 10.59 -11.17 2.45
N SER A 239 9.65 -11.87 1.81
CA SER A 239 9.07 -13.04 2.41
C SER A 239 8.87 -14.16 1.41
N PHE A 240 8.75 -15.37 1.93
CA PHE A 240 8.53 -16.55 1.11
C PHE A 240 7.99 -17.69 1.96
N SER A 241 7.29 -18.60 1.32
CA SER A 241 6.81 -19.79 2.02
C SER A 241 7.49 -21.04 1.50
N VAL A 242 7.63 -22.02 2.37
CA VAL A 242 8.17 -23.31 2.02
C VAL A 242 7.09 -24.32 2.31
N ASN A 243 6.68 -25.03 1.27
CA ASN A 243 5.63 -26.00 1.42
C ASN A 243 6.09 -27.37 1.01
N VAL A 244 5.64 -28.36 1.79
CA VAL A 244 5.97 -29.76 1.53
C VAL A 244 4.72 -30.67 1.65
N ASN A 245 4.36 -31.32 0.55
CA ASN A 245 3.35 -32.38 0.57
C ASN A 245 3.98 -33.68 0.09
N ARG A 246 3.20 -34.74 0.14
CA ARG A 246 3.57 -36.01 -0.51
C ARG A 246 3.61 -35.81 -2.03
N ALA A 247 4.61 -36.43 -2.65
CA ALA A 247 4.78 -36.42 -4.10
C ALA A 247 3.72 -37.29 -4.78
N THR A 248 3.13 -36.75 -5.83
CA THR A 248 2.13 -37.45 -6.62
C THR A 248 2.70 -37.67 -8.03
N PRO A 249 2.06 -38.53 -8.85
CA PRO A 249 2.48 -38.73 -10.25
C PRO A 249 2.59 -37.41 -11.04
N SER A 250 1.85 -36.40 -10.60
CA SER A 250 1.81 -35.08 -11.23
C SER A 250 2.90 -34.09 -10.76
N SER A 251 3.61 -34.43 -9.67
CA SER A 251 4.72 -33.61 -9.17
C SER A 251 5.88 -33.51 -10.17
N THR A 252 6.25 -32.25 -10.45
CA THR A 252 7.25 -31.93 -11.46
C THR A 252 8.23 -30.92 -10.90
N ASP A 253 9.48 -30.97 -11.38
CA ASP A 253 10.42 -29.90 -11.14
C ASP A 253 10.12 -28.73 -12.07
N GLN A 254 9.85 -27.55 -11.50
CA GLN A 254 9.60 -26.35 -12.29
C GLN A 254 10.11 -25.08 -11.61
N MET A 255 10.36 -24.06 -12.42
CA MET A 255 10.78 -22.77 -11.89
C MET A 255 10.11 -21.66 -12.71
N LEU A 256 9.20 -20.94 -12.07
CA LEU A 256 8.45 -19.89 -12.72
C LEU A 256 8.60 -18.57 -11.98
N ARG A 257 8.89 -17.52 -12.74
CA ARG A 257 9.04 -16.19 -12.20
C ARG A 257 8.06 -15.23 -12.90
N THR A 258 7.24 -14.54 -12.10
CA THR A 258 6.18 -13.68 -12.67
C THR A 258 6.51 -12.20 -12.60
N GLY A 259 7.31 -11.82 -11.62
CA GLY A 259 7.72 -10.43 -11.42
C GLY A 259 8.56 -10.56 -10.18
N ARG A 260 8.04 -10.08 -9.05
CA ARG A 260 8.62 -10.32 -7.74
C ARG A 260 8.55 -11.80 -7.37
N ARG A 261 7.45 -12.44 -7.76
CA ARG A 261 7.11 -13.78 -7.31
C ARG A 261 7.85 -14.86 -8.08
N THR A 262 8.56 -15.68 -7.34
CA THR A 262 9.17 -16.90 -7.88
C THR A 262 8.43 -18.11 -7.32
N VAL A 263 8.13 -19.08 -8.19
CA VAL A 263 7.57 -20.35 -7.78
C VAL A 263 8.54 -21.48 -8.15
N SER A 264 9.09 -22.14 -7.15
CA SER A 264 10.02 -23.23 -7.38
C SER A 264 9.44 -24.53 -6.87
N THR A 265 9.33 -25.52 -7.76
CA THR A 265 8.88 -26.85 -7.38
C THR A 265 9.99 -27.87 -7.70
N SER A 266 10.18 -28.79 -6.76
CA SER A 266 11.29 -29.73 -6.75
C SER A 266 10.78 -31.05 -6.14
N VAL A 267 11.12 -32.17 -6.76
CA VAL A 267 10.69 -33.48 -6.25
C VAL A 267 11.88 -34.27 -5.72
N ARG A 268 11.96 -34.39 -4.39
CA ARG A 268 12.98 -35.22 -3.76
C ARG A 268 12.34 -36.24 -2.86
N ASP A 269 12.85 -37.46 -2.95
CA ASP A 269 12.36 -38.61 -2.20
C ASP A 269 10.89 -38.84 -2.55
N ASN A 270 10.01 -38.71 -1.56
CA ASN A 270 8.58 -38.84 -1.82
C ASN A 270 7.85 -37.52 -1.52
N ALA A 271 8.59 -36.42 -1.67
CA ALA A 271 8.09 -35.10 -1.31
C ALA A 271 8.12 -34.12 -2.48
N GLU A 272 7.09 -33.29 -2.56
CA GLU A 272 7.11 -32.15 -3.45
C GLU A 272 7.32 -30.88 -2.62
N ILE A 273 8.55 -30.37 -2.71
CA ILE A 273 8.95 -29.11 -2.08
C ILE A 273 8.61 -27.95 -3.01
N THR A 274 7.73 -27.08 -2.55
CA THR A 274 7.38 -25.87 -3.28
C THR A 274 7.75 -24.60 -2.50
N ILE A 275 8.57 -23.74 -3.12
CA ILE A 275 8.95 -22.45 -2.55
C ILE A 275 8.31 -21.31 -3.34
N VAL A 276 7.66 -20.40 -2.63
CA VAL A 276 6.90 -19.31 -3.25
C VAL A 276 7.26 -17.99 -2.58
N GLY A 277 7.72 -17.01 -3.36
CA GLY A 277 7.87 -15.66 -2.86
C GLY A 277 8.95 -14.84 -3.54
N GLU A 278 9.43 -13.83 -2.84
CA GLU A 278 10.28 -12.80 -3.43
C GLU A 278 11.74 -13.18 -3.30
N LEU A 279 12.14 -14.20 -4.08
CA LEU A 279 13.51 -14.75 -4.08
C LEU A 279 14.06 -14.97 -5.47
N PRO A 280 15.35 -14.63 -5.69
CA PRO A 280 16.00 -15.16 -6.91
C PRO A 280 15.85 -16.70 -7.00
N PRO A 281 15.58 -17.21 -8.22
CA PRO A 281 15.49 -18.64 -8.48
C PRO A 281 16.64 -19.46 -7.85
N GLN A 282 17.88 -18.99 -7.99
CA GLN A 282 19.06 -19.71 -7.48
C GLN A 282 19.00 -19.92 -5.98
N THR A 283 18.49 -18.92 -5.26
CA THR A 283 18.37 -19.04 -3.81
C THR A 283 17.13 -19.84 -3.33
N ALA A 284 16.03 -19.76 -4.07
CA ALA A 284 14.87 -20.63 -3.83
C ALA A 284 15.26 -22.11 -3.97
N LYS A 285 16.03 -22.40 -5.01
CA LYS A 285 16.57 -23.71 -5.30
C LYS A 285 17.45 -24.25 -4.17
N ARG A 286 18.28 -23.38 -3.61
CA ARG A 286 19.18 -23.74 -2.53
C ARG A 286 18.44 -24.07 -1.23
N ILE A 287 17.39 -23.33 -0.93
CA ILE A 287 16.52 -23.64 0.21
C ILE A 287 15.90 -25.05 0.07
N ALA A 288 15.39 -25.38 -1.11
CA ALA A 288 14.75 -26.66 -1.41
C ALA A 288 15.67 -27.85 -1.21
N GLU A 289 16.89 -27.73 -1.71
CA GLU A 289 17.82 -28.84 -1.73
C GLU A 289 18.51 -29.04 -0.38
N ASN A 290 18.24 -28.13 0.54
CA ASN A 290 18.77 -28.20 1.89
C ASN A 290 17.69 -28.45 2.93
N ILE A 291 16.49 -28.79 2.48
CA ILE A 291 15.43 -29.32 3.36
C ILE A 291 15.83 -30.74 3.76
N LYS A 292 16.00 -30.98 5.06
CA LYS A 292 16.35 -32.31 5.54
C LYS A 292 15.15 -32.99 6.21
N PHE A 293 14.99 -34.36 5.71
CA PHE A 293 13.98 -35.19 6.36
C PHE A 293 14.61 -36.10 7.45
N ALA B 5 -17.25 16.89 -35.83
CA ALA B 5 -17.05 17.39 -34.45
C ALA B 5 -15.66 17.03 -33.93
N SER B 6 -15.22 15.79 -34.18
CA SER B 6 -13.88 15.36 -33.79
C SER B 6 -12.77 16.20 -34.40
N GLY B 7 -12.92 16.60 -35.64
CA GLY B 7 -11.96 17.51 -36.30
C GLY B 7 -11.90 18.88 -35.66
N ALA B 8 -13.07 19.39 -35.28
CA ALA B 8 -13.23 20.65 -34.59
C ALA B 8 -12.61 20.65 -33.20
N LEU B 9 -12.77 19.54 -32.47
CA LEU B 9 -12.14 19.36 -31.15
C LEU B 9 -10.62 19.41 -31.23
N LEU B 10 -10.06 18.78 -32.27
CA LEU B 10 -8.62 18.72 -32.45
C LEU B 10 -8.02 20.10 -32.77
N GLN B 11 -8.74 20.89 -33.57
CA GLN B 11 -8.40 22.29 -33.83
C GLN B 11 -8.42 23.15 -32.56
N GLN B 12 -9.44 22.93 -31.73
CA GLN B 12 -9.54 23.59 -30.43
C GLN B 12 -8.40 23.24 -29.47
N MET B 13 -7.96 21.97 -29.48
CA MET B 13 -6.78 21.54 -28.73
C MET B 13 -5.49 22.25 -29.20
N ASN B 14 -5.32 22.33 -30.52
CA ASN B 14 -4.27 23.13 -31.13
C ASN B 14 -4.26 24.57 -30.59
N LEU B 15 -5.41 25.22 -30.68
CA LEU B 15 -5.54 26.62 -30.29
C LEU B 15 -5.36 26.83 -28.79
N ALA B 16 -5.90 25.91 -27.98
CA ALA B 16 -5.77 25.98 -26.53
C ALA B 16 -4.32 25.87 -26.04
N SER B 17 -3.53 25.03 -26.71
CA SER B 17 -2.14 24.82 -26.37
C SER B 17 -1.31 26.07 -26.59
N GLN B 18 -1.82 26.95 -27.44
CA GLN B 18 -1.08 28.14 -27.86
C GLN B 18 -1.51 29.38 -27.13
N SER B 19 -2.74 29.40 -26.62
CA SER B 19 -3.34 30.61 -26.11
C SER B 19 -3.54 30.64 -24.58
N LEU B 20 -3.63 29.48 -23.96
CA LEU B 20 -3.81 29.42 -22.50
C LEU B 20 -2.49 29.54 -21.76
N ASN B 21 -2.58 29.91 -20.49
CA ASN B 21 -1.46 29.85 -19.56
C ASN B 21 -1.67 28.56 -18.75
N TYR B 22 -0.65 27.72 -18.69
CA TYR B 22 -0.79 26.41 -18.03
C TYR B 22 0.55 25.74 -17.69
N GLU B 23 0.47 24.75 -16.82
CA GLU B 23 1.63 23.93 -16.47
C GLU B 23 1.24 22.46 -16.53
N LEU B 24 2.07 21.67 -17.20
CA LEU B 24 1.88 20.21 -17.27
C LEU B 24 3.11 19.49 -16.76
N SER B 25 2.95 18.66 -15.74
CA SER B 25 3.94 17.67 -15.37
C SER B 25 3.56 16.43 -16.14
N PHE B 26 4.49 15.95 -16.96
CA PHE B 26 4.18 14.84 -17.82
C PHE B 26 5.31 13.82 -17.94
N ILE B 27 4.97 12.68 -18.52
CA ILE B 27 5.99 11.66 -18.77
C ILE B 27 6.02 11.37 -20.25
N SER B 28 7.22 11.03 -20.73
CA SER B 28 7.38 10.57 -22.08
C SER B 28 7.88 9.12 -22.04
N ILE B 29 7.03 8.22 -22.52
CA ILE B 29 7.29 6.79 -22.47
C ILE B 29 7.64 6.31 -23.88
N ASN B 30 8.75 5.59 -23.97
CA ASN B 30 9.08 4.85 -25.18
C ASN B 30 9.93 3.64 -24.78
N LYS B 31 10.58 2.98 -25.75
CA LYS B 31 11.37 1.78 -25.45
C LYS B 31 12.62 2.05 -24.61
N GLN B 32 13.07 3.31 -24.62
CA GLN B 32 14.24 3.77 -23.86
C GLN B 32 13.92 3.90 -22.37
N GLY B 33 12.66 4.13 -22.06
CA GLY B 33 12.24 4.26 -20.68
C GLY B 33 11.23 5.38 -20.52
N VAL B 34 11.08 5.83 -19.28
CA VAL B 34 10.12 6.85 -18.92
C VAL B 34 10.89 8.08 -18.46
N GLU B 35 10.60 9.23 -19.08
CA GLU B 35 11.23 10.48 -18.78
C GLU B 35 10.23 11.49 -18.15
N SER B 36 10.61 12.11 -17.03
CA SER B 36 9.79 13.14 -16.32
C SER B 36 10.14 14.56 -16.77
N LEU B 37 9.11 15.28 -17.20
CA LEU B 37 9.26 16.63 -17.74
C LEU B 37 8.20 17.53 -17.15
N ARG B 38 8.48 18.82 -17.15
CA ARG B 38 7.49 19.82 -16.78
C ARG B 38 7.46 20.88 -17.87
N TYR B 39 6.28 21.22 -18.31
CA TYR B 39 6.12 22.18 -19.38
C TYR B 39 5.23 23.30 -18.89
N ARG B 40 5.74 24.52 -18.96
CA ARG B 40 4.95 25.71 -18.65
C ARG B 40 4.77 26.53 -19.90
N HIS B 41 3.56 27.04 -20.10
CA HIS B 41 3.25 27.89 -21.26
C HIS B 41 2.43 29.10 -20.82
N ALA B 42 2.69 30.24 -21.46
CA ALA B 42 1.93 31.46 -21.24
C ALA B 42 1.95 32.31 -22.49
N ARG B 43 1.00 33.23 -22.57
CA ARG B 43 0.99 34.21 -23.64
C ARG B 43 0.98 35.59 -23.02
N LEU B 44 2.07 36.34 -23.24
CA LEU B 44 2.18 37.72 -22.78
C LEU B 44 2.34 38.64 -23.98
N ASP B 45 1.44 39.63 -24.09
CA ASP B 45 1.43 40.60 -25.21
C ASP B 45 1.38 39.91 -26.58
N ASN B 46 0.56 38.86 -26.69
CA ASN B 46 0.45 38.06 -27.93
C ASN B 46 1.76 37.37 -28.32
N ARG B 47 2.63 37.16 -27.32
CA ARG B 47 3.90 36.43 -27.51
C ARG B 47 3.94 35.16 -26.67
N PRO B 48 4.21 34.01 -27.31
CA PRO B 48 4.36 32.75 -26.57
C PRO B 48 5.56 32.73 -25.62
N LEU B 49 5.31 32.27 -24.41
CA LEU B 49 6.33 32.08 -23.39
C LEU B 49 6.28 30.63 -22.95
N ALA B 50 7.42 29.97 -22.81
CA ALA B 50 7.45 28.55 -22.45
C ALA B 50 8.75 28.13 -21.77
N GLN B 51 8.63 27.11 -20.93
CA GLN B 51 9.76 26.47 -20.29
C GLN B 51 9.53 24.95 -20.35
N LEU B 52 10.55 24.20 -20.75
CA LEU B 52 10.57 22.75 -20.63
C LEU B 52 11.66 22.39 -19.63
N LEU B 53 11.26 21.87 -18.49
CA LEU B 53 12.21 21.44 -17.48
C LEU B 53 12.28 19.93 -17.39
N GLN B 54 13.50 19.48 -17.24
CA GLN B 54 13.80 18.10 -17.04
C GLN B 54 14.14 17.72 -15.60
N MET B 55 13.44 16.79 -14.96
CA MET B 55 12.70 17.04 -13.72
C MET B 55 13.59 16.11 -12.84
N ASP B 56 14.21 15.11 -13.48
CA ASP B 56 15.12 14.15 -12.86
C ASP B 56 16.51 14.30 -13.46
N GLY B 57 17.54 13.98 -12.67
CA GLY B 57 18.93 14.00 -13.18
C GLY B 57 19.46 15.42 -13.33
N PRO B 58 20.42 15.65 -14.24
CA PRO B 58 20.92 17.02 -14.46
C PRO B 58 19.84 18.02 -14.86
N ARG B 59 19.97 19.25 -14.41
CA ARG B 59 18.99 20.30 -14.65
C ARG B 59 19.10 20.90 -16.05
N ARG B 60 18.62 20.18 -17.05
CA ARG B 60 18.50 20.75 -18.38
C ARG B 60 17.18 21.46 -18.51
N GLU B 61 17.24 22.70 -18.98
CA GLU B 61 16.03 23.39 -19.36
C GLU B 61 16.10 24.16 -20.65
N VAL B 62 14.95 24.25 -21.31
CA VAL B 62 14.78 24.94 -22.56
C VAL B 62 13.67 25.98 -22.38
N VAL B 63 13.94 27.23 -22.77
CA VAL B 63 12.93 28.28 -22.71
C VAL B 63 12.62 28.82 -24.10
N GLN B 64 11.37 29.25 -24.27
CA GLN B 64 10.95 29.92 -25.48
C GLN B 64 10.45 31.34 -25.15
N ARG B 65 10.97 32.33 -25.87
CA ARG B 65 10.48 33.69 -25.78
C ARG B 65 10.20 34.15 -27.20
N GLY B 66 8.92 34.14 -27.57
CA GLY B 66 8.51 34.35 -28.95
C GLY B 66 9.04 33.22 -29.81
N ASN B 67 10.25 33.44 -30.32
CA ASN B 67 10.74 32.76 -31.51
C ASN B 67 12.20 32.32 -31.34
N GLU B 68 12.83 32.77 -30.24
CA GLU B 68 14.15 32.31 -29.72
C GLU B 68 13.66 31.24 -28.75
N ILE B 69 14.04 29.99 -28.98
CA ILE B 69 14.63 29.00 -28.06
C ILE B 69 16.04 28.91 -27.48
N SER B 70 16.09 29.02 -26.15
CA SER B 70 17.35 29.04 -25.39
C SER B 70 17.55 27.78 -24.56
N TYR B 71 18.75 27.21 -24.66
CA TYR B 71 19.09 25.95 -24.05
C TYR B 71 20.06 26.13 -22.88
N PHE B 72 19.69 25.54 -21.75
CA PHE B 72 20.46 25.66 -20.52
C PHE B 72 20.80 24.27 -19.99
N GLU B 73 22.02 24.13 -19.49
CA GLU B 73 22.54 22.85 -19.05
C GLU B 73 23.78 23.11 -18.21
N PRO B 74 23.78 22.63 -16.94
CA PRO B 74 24.92 22.94 -16.06
C PRO B 74 26.26 22.50 -16.67
N GLY B 75 27.26 23.37 -16.54
CA GLY B 75 28.60 23.10 -17.06
C GLY B 75 28.81 23.53 -18.49
N LEU B 76 27.72 23.57 -19.26
CA LEU B 76 27.78 23.95 -20.66
C LEU B 76 27.34 25.41 -20.87
N GLU B 77 27.66 25.95 -22.04
CA GLU B 77 27.40 27.34 -22.38
C GLU B 77 26.00 27.51 -23.00
N PRO B 78 25.13 28.29 -22.35
CA PRO B 78 23.79 28.57 -22.88
C PRO B 78 23.81 29.15 -24.30
N PHE B 79 22.91 28.68 -25.14
CA PHE B 79 22.81 29.16 -26.52
C PHE B 79 21.35 29.27 -27.00
N THR B 80 21.11 30.20 -27.91
CA THR B 80 19.77 30.48 -28.41
C THR B 80 19.67 30.21 -29.91
N LEU B 81 18.67 29.43 -30.28
CA LEU B 81 18.34 29.17 -31.68
C LEU B 81 16.97 29.79 -32.02
N ASN B 82 16.63 29.78 -33.31
CA ASN B 82 15.28 30.17 -33.76
C ASN B 82 14.34 28.97 -33.83
N GLY B 83 13.09 29.16 -33.41
CA GLY B 83 12.05 28.11 -33.51
C GLY B 83 10.64 28.54 -33.09
N ASP B 84 9.63 27.78 -33.52
CA ASP B 84 8.22 28.09 -33.24
C ASP B 84 7.74 27.53 -31.91
N TYR B 85 8.29 26.39 -31.54
CA TYR B 85 8.00 25.75 -30.27
C TYR B 85 9.20 24.91 -29.82
N ILE B 86 9.20 24.49 -28.56
CA ILE B 86 10.24 23.62 -28.02
C ILE B 86 10.02 22.19 -28.53
N VAL B 87 11.01 21.63 -29.22
CA VAL B 87 10.87 20.26 -29.72
C VAL B 87 11.01 19.26 -28.56
N ASP B 88 10.23 18.19 -28.61
CA ASP B 88 10.12 17.19 -27.53
C ASP B 88 9.54 17.79 -26.27
N SER B 89 8.68 18.76 -26.51
CA SER B 89 7.88 19.46 -25.52
C SER B 89 6.53 18.73 -25.44
N LEU B 90 5.47 19.42 -25.82
CA LEU B 90 4.22 18.80 -26.23
C LEU B 90 4.41 18.05 -27.54
N PRO B 91 3.61 16.96 -27.76
CA PRO B 91 3.76 16.22 -29.01
C PRO B 91 3.55 17.11 -30.24
N SER B 92 4.35 16.89 -31.28
CA SER B 92 4.22 17.68 -32.51
C SER B 92 2.78 17.69 -33.07
N LEU B 93 2.04 16.61 -32.88
CA LEU B 93 0.63 16.50 -33.31
C LEU B 93 -0.18 17.74 -32.94
N ILE B 94 0.11 18.31 -31.77
CA ILE B 94 -0.63 19.44 -31.19
C ILE B 94 -0.59 20.71 -32.05
N TYR B 95 0.44 20.82 -32.91
CA TYR B 95 0.64 21.98 -33.78
C TYR B 95 0.13 21.79 -35.22
N THR B 96 -0.57 20.69 -35.45
CA THR B 96 -1.06 20.35 -36.78
C THR B 96 -2.18 21.28 -37.21
N ASP B 97 -2.16 21.63 -38.50
CA ASP B 97 -3.29 22.20 -39.21
C ASP B 97 -4.24 21.04 -39.58
N PHE B 98 -5.21 20.76 -38.72
CA PHE B 98 -6.10 19.60 -38.93
C PHE B 98 -7.10 19.78 -40.08
N LYS B 99 -7.25 21.01 -40.54
CA LYS B 99 -8.01 21.35 -41.74
C LYS B 99 -7.32 20.87 -43.02
N ARG B 100 -6.00 21.02 -43.08
CA ARG B 100 -5.20 20.50 -44.20
C ARG B 100 -5.34 18.97 -44.35
N LEU B 101 -5.42 18.26 -43.21
CA LEU B 101 -5.43 16.80 -43.15
C LEU B 101 -6.77 16.18 -43.47
N SER B 102 -7.84 16.96 -43.37
CA SER B 102 -9.20 16.41 -43.42
C SER B 102 -9.60 15.57 -44.67
N PRO B 103 -9.10 15.92 -45.89
CA PRO B 103 -9.35 15.05 -47.05
C PRO B 103 -8.61 13.69 -47.01
N TYR B 104 -7.65 13.55 -46.12
CA TYR B 104 -6.80 12.37 -46.12
C TYR B 104 -6.91 11.54 -44.86
N TYR B 105 -7.43 12.14 -43.79
CA TYR B 105 -7.50 11.49 -42.50
C TYR B 105 -8.93 11.35 -42.00
N ASP B 106 -9.15 10.34 -41.16
CA ASP B 106 -10.36 10.22 -40.39
C ASP B 106 -10.03 10.66 -38.99
N PHE B 107 -10.95 11.42 -38.39
CA PHE B 107 -10.82 11.79 -36.99
C PHE B 107 -11.98 11.07 -36.33
N ILE B 108 -11.66 10.06 -35.53
CA ILE B 108 -12.65 9.12 -35.05
C ILE B 108 -12.84 9.22 -33.55
N SER B 109 -14.07 9.52 -33.16
CA SER B 109 -14.47 9.57 -31.76
C SER B 109 -14.52 8.17 -31.19
N VAL B 110 -13.73 7.93 -30.15
CA VAL B 110 -13.67 6.61 -29.53
C VAL B 110 -14.21 6.65 -28.10
N GLY B 111 -14.78 7.78 -27.73
CA GLY B 111 -15.46 7.92 -26.44
C GLY B 111 -14.76 8.86 -25.48
N ARG B 112 -14.93 8.59 -24.19
CA ARG B 112 -14.38 9.41 -23.10
C ARG B 112 -13.87 8.57 -21.94
N THR B 113 -12.82 9.06 -21.30
CA THR B 113 -12.26 8.42 -20.11
C THR B 113 -11.51 9.48 -19.30
N ARG B 114 -10.98 9.10 -18.14
CA ARG B 114 -10.15 10.00 -17.34
C ARG B 114 -8.66 9.82 -17.60
N ILE B 115 -7.95 10.96 -17.69
CA ILE B 115 -6.50 11.01 -17.59
C ILE B 115 -6.21 12.09 -16.57
N ALA B 116 -5.27 11.83 -15.66
CA ALA B 116 -4.94 12.71 -14.54
C ALA B 116 -6.16 13.25 -13.78
N ASP B 117 -7.16 12.39 -13.60
CA ASP B 117 -8.39 12.73 -12.86
C ASP B 117 -9.20 13.80 -13.57
N ARG B 118 -8.99 13.93 -14.87
CA ARG B 118 -9.76 14.84 -15.71
C ARG B 118 -10.49 14.05 -16.78
N LEU B 119 -11.75 14.40 -17.03
CA LEU B 119 -12.52 13.78 -18.12
C LEU B 119 -11.92 14.22 -19.46
N CYS B 120 -11.77 13.27 -20.37
CA CYS B 120 -11.14 13.52 -21.66
C CYS B 120 -11.96 12.97 -22.82
N GLU B 121 -11.96 13.68 -23.95
CA GLU B 121 -12.45 13.14 -25.22
C GLU B 121 -11.32 12.34 -25.84
N VAL B 122 -11.64 11.13 -26.31
CA VAL B 122 -10.66 10.27 -26.95
C VAL B 122 -10.92 10.25 -28.47
N ILE B 123 -9.87 10.51 -29.24
CA ILE B 123 -9.92 10.71 -30.68
C ILE B 123 -8.77 9.99 -31.40
N ARG B 124 -9.13 9.16 -32.39
CA ARG B 124 -8.18 8.50 -33.26
C ARG B 124 -7.92 9.31 -34.54
N VAL B 125 -6.65 9.53 -34.86
CA VAL B 125 -6.25 10.26 -36.06
C VAL B 125 -5.62 9.23 -36.99
N VAL B 126 -6.35 8.89 -38.06
CA VAL B 126 -5.98 7.79 -38.96
C VAL B 126 -5.92 8.24 -40.43
N ALA B 127 -4.81 8.00 -41.12
CA ALA B 127 -4.75 8.20 -42.58
C ALA B 127 -5.65 7.19 -43.29
N ARG B 128 -6.51 7.67 -44.18
CA ARG B 128 -7.49 6.81 -44.85
C ARG B 128 -6.89 5.71 -45.73
N ASP B 129 -5.77 6.01 -46.38
CA ASP B 129 -5.10 5.06 -47.29
C ASP B 129 -4.33 3.90 -46.61
N GLY B 130 -4.30 3.88 -45.27
CA GLY B 130 -3.65 2.81 -44.51
C GLY B 130 -2.13 2.80 -44.64
N THR B 131 -1.57 3.92 -45.03
CA THR B 131 -0.18 4.09 -45.42
C THR B 131 0.73 4.54 -44.27
N ARG B 132 0.13 5.12 -43.22
CA ARG B 132 0.85 5.83 -42.15
C ARG B 132 0.67 5.26 -40.75
N TYR B 133 1.50 5.73 -39.82
CA TYR B 133 1.22 5.59 -38.39
C TYR B 133 -0.07 6.31 -38.06
N SER B 134 -0.63 6.00 -36.90
CA SER B 134 -1.78 6.76 -36.41
C SER B 134 -1.53 7.29 -35.00
N TYR B 135 -2.38 8.23 -34.57
CA TYR B 135 -2.41 8.72 -33.19
C TYR B 135 -3.66 8.14 -32.59
N ILE B 136 -3.74 7.87 -31.30
CA ILE B 136 -4.69 8.47 -30.36
C ILE B 136 -4.38 9.64 -29.45
N VAL B 137 -5.37 10.53 -29.35
CA VAL B 137 -5.36 11.70 -28.48
C VAL B 137 -6.46 11.62 -27.43
N TRP B 138 -6.05 11.85 -26.18
CA TRP B 138 -6.95 12.12 -25.06
C TRP B 138 -6.82 13.63 -24.79
N MET B 139 -7.92 14.36 -24.89
CA MET B 139 -7.93 15.81 -24.72
C MET B 139 -8.86 16.22 -23.57
N ASP B 140 -8.40 17.13 -22.72
CA ASP B 140 -9.21 17.61 -21.60
C ASP B 140 -10.50 18.27 -22.11
N THR B 141 -11.63 17.78 -21.60
CA THR B 141 -12.99 18.23 -21.96
C THR B 141 -13.23 19.75 -21.77
N GLU B 142 -12.74 20.28 -20.65
CA GLU B 142 -12.90 21.69 -20.31
C GLU B 142 -11.96 22.58 -21.10
N SER B 143 -10.65 22.39 -20.89
CA SER B 143 -9.65 23.26 -21.47
C SER B 143 -9.27 22.92 -22.91
N LYS B 144 -9.50 21.67 -23.30
CA LYS B 144 -9.07 21.12 -24.60
C LYS B 144 -7.57 20.84 -24.70
N LEU B 145 -6.86 20.97 -23.58
CA LEU B 145 -5.43 20.70 -23.57
C LEU B 145 -5.14 19.20 -23.71
N PRO B 146 -4.04 18.83 -24.36
CA PRO B 146 -3.73 17.41 -24.56
C PRO B 146 -3.36 16.72 -23.25
N MET B 147 -3.96 15.56 -22.98
CA MET B 147 -3.73 14.83 -21.73
C MET B 147 -2.86 13.57 -21.94
N ARG B 148 -3.07 12.92 -23.08
CA ARG B 148 -2.30 11.76 -23.49
C ARG B 148 -2.25 11.70 -25.00
N VAL B 149 -1.11 11.29 -25.55
CA VAL B 149 -0.96 11.12 -27.00
C VAL B 149 -0.14 9.86 -27.26
N ASP B 150 -0.74 8.90 -27.95
CA ASP B 150 -0.07 7.68 -28.39
C ASP B 150 0.24 7.70 -29.88
N LEU B 151 1.47 7.39 -30.25
CA LEU B 151 1.80 7.16 -31.65
C LEU B 151 1.80 5.67 -31.82
N LEU B 152 1.03 5.20 -32.79
CA LEU B 152 0.89 3.77 -33.02
C LEU B 152 1.47 3.39 -34.36
N ASP B 153 2.19 2.28 -34.39
CA ASP B 153 2.54 1.70 -35.66
C ASP B 153 1.27 1.07 -36.26
N ARG B 154 1.35 0.55 -37.47
CA ARG B 154 0.17 0.06 -38.14
C ARG B 154 -0.38 -1.23 -37.55
N ASP B 155 0.45 -1.97 -36.85
CA ASP B 155 0.00 -3.15 -36.14
C ASP B 155 -0.60 -2.78 -34.77
N GLY B 156 -0.71 -1.47 -34.49
CA GLY B 156 -1.34 -0.95 -33.28
C GLY B 156 -0.48 -0.92 -32.04
N GLU B 157 0.79 -1.29 -32.19
CA GLU B 157 1.74 -1.25 -31.10
C GLU B 157 2.17 0.20 -30.89
N THR B 158 2.33 0.63 -29.64
CA THR B 158 2.68 2.04 -29.41
C THR B 158 4.18 2.32 -29.47
N LEU B 159 4.51 3.39 -30.20
CA LEU B 159 5.89 3.76 -30.47
C LEU B 159 6.33 4.80 -29.46
N GLU B 160 5.43 5.72 -29.15
CA GLU B 160 5.66 6.76 -28.16
C GLU B 160 4.38 7.10 -27.43
N GLN B 161 4.52 7.46 -26.16
CA GLN B 161 3.41 7.93 -25.37
C GLN B 161 3.75 9.19 -24.57
N PHE B 162 2.90 10.20 -24.69
CA PHE B 162 2.89 11.46 -23.90
C PHE B 162 1.78 11.11 -22.92
N ARG B 163 2.02 11.24 -21.62
CA ARG B 163 0.99 11.52 -20.66
C ARG B 163 1.18 12.53 -19.58
N VAL B 164 0.18 13.39 -19.45
CA VAL B 164 0.06 14.31 -18.35
C VAL B 164 -0.21 13.59 -17.05
N ILE B 165 0.43 14.07 -15.99
CA ILE B 165 0.32 13.49 -14.68
C ILE B 165 -0.17 14.40 -13.56
N ALA B 166 0.26 15.66 -13.49
CA ALA B 166 -0.65 16.80 -13.46
C ALA B 166 -0.30 18.10 -14.16
N PHE B 167 -1.02 19.18 -13.91
CA PHE B 167 -2.21 19.69 -14.63
C PHE B 167 -2.78 20.93 -13.94
N ASN B 168 -2.41 22.10 -14.47
CA ASN B 168 -2.91 23.37 -13.93
C ASN B 168 -3.15 24.37 -15.06
N VAL B 169 -4.32 24.98 -15.08
CA VAL B 169 -4.61 26.09 -15.99
C VAL B 169 -4.72 27.38 -15.19
N ASN B 170 -4.01 28.42 -15.62
CA ASN B 170 -4.03 29.71 -14.91
C ASN B 170 -4.66 30.84 -15.68
N GLN B 171 -5.46 31.63 -14.98
CA GLN B 171 -6.04 32.83 -15.56
C GLN B 171 -4.94 33.88 -15.65
N ASP B 172 -4.09 33.90 -14.62
CA ASP B 172 -3.01 34.86 -14.48
C ASP B 172 -1.67 34.27 -14.92
N ILE B 173 -0.82 35.14 -15.44
CA ILE B 173 0.56 34.78 -15.78
C ILE B 173 1.41 34.66 -14.51
N SER B 174 2.19 33.58 -14.42
CA SER B 174 2.96 33.24 -13.23
C SER B 174 4.16 34.17 -12.98
N SER B 175 4.88 33.91 -11.89
CA SER B 175 6.01 34.73 -11.48
C SER B 175 7.24 34.46 -12.34
N SER B 176 7.47 33.19 -12.66
CA SER B 176 8.62 32.79 -13.47
C SER B 176 8.44 33.11 -14.96
N MET B 177 7.19 33.10 -15.42
CA MET B 177 6.86 33.49 -16.79
C MET B 177 6.99 35.00 -17.02
N GLN B 178 6.88 35.76 -15.92
CA GLN B 178 7.09 37.20 -15.98
C GLN B 178 8.60 37.52 -15.89
N THR B 179 9.29 36.83 -15.00
CA THR B 179 10.76 36.86 -14.93
C THR B 179 11.41 36.51 -16.27
N LEU B 180 10.84 35.51 -16.96
CA LEU B 180 11.34 35.06 -18.27
C LEU B 180 11.15 36.11 -19.36
N ALA B 181 10.02 36.82 -19.31
CA ALA B 181 9.75 37.89 -20.28
C ALA B 181 10.87 38.94 -20.28
N LYS B 182 11.49 39.12 -19.13
CA LYS B 182 12.57 40.10 -18.94
C LYS B 182 13.81 39.42 -18.35
N ALA B 183 14.51 38.67 -19.20
CA ALA B 183 15.73 37.97 -18.80
C ALA B 183 16.82 38.10 -19.87
N ASN B 184 18.08 37.93 -19.44
CA ASN B 184 19.22 37.95 -20.34
C ASN B 184 19.53 36.58 -20.92
N LEU B 185 19.10 36.33 -22.15
CA LEU B 185 19.40 35.08 -22.83
C LEU B 185 20.19 35.31 -24.13
N PRO B 186 21.00 34.30 -24.54
CA PRO B 186 21.91 34.42 -25.70
C PRO B 186 21.20 34.74 -27.03
N PRO B 187 21.92 35.30 -28.02
CA PRO B 187 21.44 35.34 -29.42
C PRO B 187 21.93 34.15 -30.26
N PHE B 199 16.72 18.19 -58.93
CA PHE B 199 17.80 17.36 -59.48
C PHE B 199 17.36 16.25 -60.45
N SER B 200 18.26 15.28 -60.64
CA SER B 200 18.17 14.26 -61.68
C SER B 200 17.10 13.17 -61.46
N TRP B 201 16.42 13.24 -60.31
CA TRP B 201 15.47 12.20 -59.88
C TRP B 201 14.22 12.81 -59.20
N THR B 202 13.05 12.22 -59.47
CA THR B 202 11.76 12.50 -58.78
C THR B 202 11.46 11.12 -58.18
N PRO B 203 10.91 11.02 -56.97
CA PRO B 203 9.73 10.27 -56.52
C PRO B 203 8.26 10.36 -56.85
N THR B 204 7.66 9.27 -57.33
CA THR B 204 6.92 9.23 -58.59
C THR B 204 5.68 8.64 -57.91
N TRP B 205 5.90 7.97 -56.76
CA TRP B 205 4.86 7.63 -55.79
C TRP B 205 5.10 8.23 -54.41
N LEU B 206 4.13 8.99 -53.94
CA LEU B 206 4.13 9.49 -52.58
C LEU B 206 2.75 9.25 -52.00
N PRO B 207 2.66 8.99 -50.68
CA PRO B 207 1.33 8.84 -50.11
C PRO B 207 0.61 10.18 -50.21
N GLN B 208 -0.71 10.13 -50.38
CA GLN B 208 -1.48 11.34 -50.65
C GLN B 208 -1.38 12.33 -49.50
N GLY B 209 -1.19 13.61 -49.85
CA GLY B 209 -1.09 14.68 -48.86
C GLY B 209 0.31 15.16 -48.53
N PHE B 210 1.32 14.32 -48.79
CA PHE B 210 2.72 14.70 -48.59
C PHE B 210 3.15 15.64 -49.70
N SER B 211 3.81 16.73 -49.33
CA SER B 211 4.42 17.67 -50.28
C SER B 211 5.85 17.97 -49.88
N GLU B 212 6.66 18.43 -50.84
CA GLU B 212 8.05 18.76 -50.59
C GLU B 212 8.17 20.09 -49.84
N VAL B 213 8.92 20.05 -48.75
CA VAL B 213 9.18 21.23 -47.93
C VAL B 213 10.46 21.92 -48.39
N SER B 214 11.54 21.15 -48.50
CA SER B 214 12.81 21.68 -48.94
C SER B 214 13.62 20.69 -49.77
N SER B 215 14.70 21.18 -50.35
CA SER B 215 15.69 20.39 -51.10
C SER B 215 17.06 20.95 -50.81
N SER B 216 18.02 20.08 -50.53
CA SER B 216 19.39 20.51 -50.36
C SER B 216 20.36 19.57 -51.06
N ARG B 217 21.56 20.09 -51.38
CA ARG B 217 22.70 19.25 -51.72
C ARG B 217 23.90 19.63 -50.86
N ARG B 218 24.55 18.63 -50.28
CA ARG B 218 25.65 18.83 -49.35
C ARG B 218 26.68 17.70 -49.53
N PRO B 219 27.97 17.98 -49.27
CA PRO B 219 29.02 16.98 -49.43
C PRO B 219 29.44 16.23 -48.15
N LEU B 220 30.72 16.41 -47.77
CA LEU B 220 31.46 15.64 -46.73
C LEU B 220 32.38 14.57 -47.34
N ASN B 225 34.28 13.79 -51.43
CA ASN B 225 33.16 14.66 -50.95
C ASN B 225 31.95 14.54 -51.87
N MET B 226 31.42 13.32 -51.95
CA MET B 226 30.29 13.01 -52.82
C MET B 226 29.01 13.75 -52.39
N PRO B 227 28.32 14.34 -53.40
CA PRO B 227 27.05 15.01 -53.13
C PRO B 227 25.98 14.02 -52.70
N ILE B 228 25.19 14.42 -51.71
CA ILE B 228 23.96 13.72 -51.38
C ILE B 228 22.81 14.71 -51.57
N GLU B 229 21.80 14.29 -52.32
CA GLU B 229 20.67 15.15 -52.65
C GLU B 229 19.47 14.73 -51.81
N SER B 230 18.95 15.64 -50.99
CA SER B 230 17.83 15.36 -50.12
C SER B 230 16.59 16.16 -50.51
N ARG B 231 15.43 15.54 -50.33
CA ARG B 231 14.15 16.23 -50.40
C ARG B 231 13.41 15.90 -49.13
N LEU B 232 12.91 16.95 -48.46
CA LEU B 232 12.11 16.78 -47.25
C LEU B 232 10.62 16.87 -47.58
N TYR B 233 9.85 15.93 -47.02
CA TYR B 233 8.41 15.82 -47.25
C TYR B 233 7.61 15.87 -45.95
N SER B 234 6.46 16.54 -46.00
CA SER B 234 5.53 16.55 -44.86
C SER B 234 4.09 16.61 -45.35
N ASP B 235 3.18 15.97 -44.61
CA ASP B 235 1.73 16.06 -44.86
C ASP B 235 1.06 16.95 -43.84
N GLY B 236 1.88 17.60 -43.02
CA GLY B 236 1.40 18.48 -41.95
C GLY B 236 1.45 17.81 -40.60
N LEU B 237 1.76 16.52 -40.59
CA LEU B 237 1.76 15.74 -39.36
C LEU B 237 3.02 14.86 -39.27
N PHE B 238 3.27 14.10 -40.32
CA PHE B 238 4.42 13.22 -40.42
C PHE B 238 5.41 13.80 -41.42
N SER B 239 6.70 13.54 -41.22
CA SER B 239 7.74 14.01 -42.16
C SER B 239 8.77 12.93 -42.44
N PHE B 240 9.43 13.03 -43.60
CA PHE B 240 10.51 12.13 -43.96
C PHE B 240 11.34 12.77 -45.06
N SER B 241 12.57 12.30 -45.21
CA SER B 241 13.46 12.78 -46.26
C SER B 241 13.78 11.64 -47.20
N VAL B 242 13.91 11.98 -48.47
CA VAL B 242 14.43 11.07 -49.48
C VAL B 242 15.82 11.56 -49.88
N ASN B 243 16.80 10.68 -49.74
CA ASN B 243 18.20 11.03 -49.99
C ASN B 243 18.83 10.13 -51.04
N VAL B 244 19.51 10.73 -52.01
CA VAL B 244 20.13 9.98 -53.09
C VAL B 244 21.59 10.42 -53.29
N ASN B 245 22.51 9.48 -53.10
CA ASN B 245 23.91 9.67 -53.51
C ASN B 245 24.32 8.57 -54.47
N ARG B 246 25.55 8.68 -54.98
CA ARG B 246 26.16 7.64 -55.79
C ARG B 246 26.38 6.41 -54.92
N ALA B 247 26.14 5.23 -55.50
CA ALA B 247 26.37 3.98 -54.79
C ALA B 247 27.86 3.68 -54.69
N THR B 248 28.28 3.26 -53.50
CA THR B 248 29.67 2.88 -53.22
C THR B 248 29.71 1.36 -52.97
N PRO B 249 30.92 0.75 -52.95
CA PRO B 249 31.05 -0.66 -52.54
C PRO B 249 30.40 -1.00 -51.19
N SER B 250 30.22 0.02 -50.34
CA SER B 250 29.68 -0.16 -48.99
C SER B 250 28.16 -0.06 -48.93
N SER B 251 27.55 0.44 -49.99
CA SER B 251 26.09 0.59 -50.07
C SER B 251 25.38 -0.76 -49.99
N THR B 252 24.48 -0.89 -49.02
CA THR B 252 23.67 -2.11 -48.88
C THR B 252 22.21 -1.81 -48.62
N ASP B 253 21.36 -2.77 -48.96
CA ASP B 253 19.95 -2.73 -48.61
C ASP B 253 19.78 -3.02 -47.12
N GLN B 254 19.18 -2.08 -46.41
CA GLN B 254 18.85 -2.29 -45.00
C GLN B 254 17.60 -1.55 -44.59
N MET B 255 17.01 -2.00 -43.49
CA MET B 255 15.78 -1.44 -42.96
C MET B 255 15.86 -1.48 -41.45
N LEU B 256 15.99 -0.30 -40.84
CA LEU B 256 16.07 -0.18 -39.39
C LEU B 256 14.97 0.74 -38.86
N ARG B 257 14.29 0.30 -37.82
CA ARG B 257 13.34 1.16 -37.13
C ARG B 257 13.65 1.27 -35.66
N THR B 258 13.64 2.52 -35.19
CA THR B 258 14.13 2.89 -33.87
C THR B 258 13.01 3.17 -32.89
N GLY B 259 11.90 3.69 -33.40
CA GLY B 259 10.75 4.08 -32.61
C GLY B 259 9.85 4.64 -33.68
N ARG B 260 9.67 5.96 -33.69
CA ARG B 260 9.02 6.61 -34.82
C ARG B 260 9.87 6.58 -36.09
N ARG B 261 11.18 6.63 -35.92
CA ARG B 261 12.15 6.78 -37.01
C ARG B 261 12.48 5.49 -37.74
N THR B 262 12.18 5.49 -39.03
CA THR B 262 12.51 4.41 -39.94
C THR B 262 13.65 4.88 -40.83
N VAL B 263 14.64 4.00 -41.03
CA VAL B 263 15.73 4.24 -41.98
C VAL B 263 15.75 3.11 -43.00
N SER B 264 15.46 3.45 -44.26
CA SER B 264 15.37 2.49 -45.32
C SER B 264 16.41 2.80 -46.38
N THR B 265 17.30 1.84 -46.61
CA THR B 265 18.35 2.00 -47.61
C THR B 265 18.15 0.94 -48.68
N SER B 266 18.21 1.38 -49.94
CA SER B 266 18.15 0.46 -51.07
C SER B 266 19.15 0.89 -52.14
N VAL B 267 19.67 -0.08 -52.88
CA VAL B 267 20.64 0.20 -53.93
C VAL B 267 20.07 -0.19 -55.29
N ARG B 268 19.73 0.82 -56.07
CA ARG B 268 19.24 0.62 -57.43
C ARG B 268 20.10 1.39 -58.41
N ASP B 269 20.43 0.73 -59.53
CA ASP B 269 21.29 1.27 -60.57
C ASP B 269 22.67 1.57 -59.96
N ASN B 270 23.05 2.85 -59.99
CA ASN B 270 24.28 3.30 -59.36
C ASN B 270 23.97 4.29 -58.24
N ALA B 271 22.78 4.14 -57.65
CA ALA B 271 22.33 5.06 -56.60
C ALA B 271 22.02 4.38 -55.28
N GLU B 272 22.37 5.06 -54.20
CA GLU B 272 21.97 4.67 -52.85
C GLU B 272 20.81 5.56 -52.39
N ILE B 273 19.60 5.00 -52.43
CA ILE B 273 18.40 5.69 -51.99
C ILE B 273 18.19 5.42 -50.51
N THR B 274 18.18 6.48 -49.71
CA THR B 274 17.88 6.35 -48.28
C THR B 274 16.71 7.23 -47.86
N ILE B 275 15.72 6.57 -47.26
CA ILE B 275 14.50 7.21 -46.79
C ILE B 275 14.54 7.22 -45.26
N VAL B 276 14.30 8.40 -44.69
CA VAL B 276 14.43 8.60 -43.25
C VAL B 276 13.24 9.36 -42.68
N GLY B 277 12.54 8.77 -41.72
CA GLY B 277 11.50 9.47 -40.98
C GLY B 277 10.34 8.65 -40.47
N GLU B 278 9.20 9.31 -40.31
CA GLU B 278 8.06 8.74 -39.60
C GLU B 278 7.17 7.95 -40.57
N LEU B 279 7.68 6.81 -41.04
CA LEU B 279 6.96 5.98 -41.99
C LEU B 279 7.05 4.50 -41.68
N PRO B 280 5.92 3.79 -41.87
CA PRO B 280 6.01 2.34 -41.90
C PRO B 280 7.04 1.86 -42.94
N PRO B 281 7.84 0.85 -42.59
CA PRO B 281 8.79 0.22 -43.52
C PRO B 281 8.26 -0.09 -44.92
N GLN B 282 7.08 -0.69 -45.05
CA GLN B 282 6.55 -1.00 -46.39
C GLN B 282 6.28 0.25 -47.23
N THR B 283 5.89 1.36 -46.61
CA THR B 283 5.68 2.58 -47.37
C THR B 283 6.95 3.36 -47.72
N ALA B 284 7.93 3.39 -46.82
CA ALA B 284 9.30 3.84 -47.18
C ALA B 284 9.89 3.06 -48.36
N LYS B 285 9.72 1.74 -48.35
CA LYS B 285 10.18 0.87 -49.43
C LYS B 285 9.55 1.21 -50.78
N ARG B 286 8.26 1.50 -50.75
CA ARG B 286 7.50 1.83 -51.96
C ARG B 286 7.90 3.17 -52.56
N ILE B 287 8.19 4.14 -51.70
CA ILE B 287 8.75 5.42 -52.15
C ILE B 287 10.09 5.23 -52.89
N ALA B 288 11.00 4.47 -52.30
CA ALA B 288 12.31 4.16 -52.91
C ALA B 288 12.24 3.46 -54.27
N GLU B 289 11.37 2.46 -54.40
CA GLU B 289 11.29 1.67 -55.64
C GLU B 289 10.56 2.41 -56.76
N ASN B 290 9.97 3.55 -56.42
CA ASN B 290 9.27 4.37 -57.38
C ASN B 290 9.99 5.69 -57.69
N ILE B 291 11.22 5.85 -57.23
CA ILE B 291 12.06 6.96 -57.71
C ILE B 291 12.55 6.64 -59.13
N LYS B 292 12.24 7.52 -60.09
CA LYS B 292 12.68 7.30 -61.47
C LYS B 292 13.83 8.25 -61.83
N PHE B 293 14.88 7.70 -62.45
CA PHE B 293 16.11 8.41 -62.76
C PHE B 293 16.22 8.73 -64.26
N GLY B 294 15.97 9.99 -64.61
CA GLY B 294 15.97 10.44 -66.01
C GLY B 294 14.60 10.83 -66.53
N ALA B 295 14.56 11.27 -67.79
CA ALA B 295 13.31 11.66 -68.48
C ALA B 295 13.61 12.01 -69.94
N ALA C 5 -26.83 -3.09 17.52
CA ALA C 5 -25.74 -2.12 17.21
C ALA C 5 -24.71 -2.09 18.33
N SER C 6 -25.18 -2.11 19.58
CA SER C 6 -24.29 -2.15 20.75
C SER C 6 -23.44 -3.41 20.74
N GLY C 7 -24.00 -4.48 20.19
CA GLY C 7 -23.30 -5.76 20.06
C GLY C 7 -22.12 -5.71 19.11
N ALA C 8 -22.29 -5.04 17.98
CA ALA C 8 -21.25 -4.88 16.97
C ALA C 8 -20.09 -4.01 17.46
N LEU C 9 -20.41 -2.99 18.25
CA LEU C 9 -19.40 -2.13 18.91
C LEU C 9 -18.52 -2.93 19.87
N LEU C 10 -19.14 -3.80 20.65
CA LEU C 10 -18.44 -4.62 21.64
C LEU C 10 -17.48 -5.63 20.98
N GLN C 11 -17.91 -6.20 19.85
CA GLN C 11 -17.06 -7.07 19.04
C GLN C 11 -15.86 -6.32 18.45
N GLN C 12 -16.07 -5.07 18.04
CA GLN C 12 -15.00 -4.20 17.54
C GLN C 12 -13.98 -3.84 18.62
N MET C 13 -14.48 -3.66 19.85
CA MET C 13 -13.64 -3.47 21.04
C MET C 13 -12.75 -4.70 21.30
N ASN C 14 -13.36 -5.89 21.22
CA ASN C 14 -12.63 -7.14 21.32
C ASN C 14 -11.49 -7.22 20.30
N LEU C 15 -11.82 -6.96 19.04
CA LEU C 15 -10.86 -7.09 17.93
C LEU C 15 -9.77 -6.01 17.98
N ALA C 16 -10.14 -4.81 18.39
CA ALA C 16 -9.20 -3.68 18.54
C ALA C 16 -8.13 -3.96 19.57
N SER C 17 -8.53 -4.61 20.67
CA SER C 17 -7.62 -4.94 21.77
C SER C 17 -6.56 -5.94 21.33
N GLN C 18 -6.88 -6.68 20.27
CA GLN C 18 -6.08 -7.79 19.76
C GLN C 18 -5.16 -7.40 18.62
N SER C 19 -5.59 -6.41 17.85
CA SER C 19 -4.95 -6.08 16.57
C SER C 19 -4.13 -4.79 16.57
N LEU C 20 -4.49 -3.86 17.45
CA LEU C 20 -3.82 -2.57 17.52
C LEU C 20 -2.53 -2.64 18.32
N ASN C 21 -1.65 -1.68 18.07
CA ASN C 21 -0.48 -1.48 18.90
C ASN C 21 -0.78 -0.27 19.76
N TYR C 22 -0.68 -0.44 21.08
CA TYR C 22 -1.09 0.60 22.03
C TYR C 22 -0.49 0.46 23.43
N GLU C 23 -0.59 1.55 24.20
CA GLU C 23 -0.17 1.56 25.60
C GLU C 23 -1.26 2.21 26.46
N LEU C 24 -1.64 1.52 27.53
CA LEU C 24 -2.62 2.04 28.49
C LEU C 24 -2.02 2.12 29.88
N SER C 25 -2.00 3.33 30.43
CA SER C 25 -1.74 3.57 31.85
C SER C 25 -3.11 3.54 32.50
N PHE C 26 -3.34 2.59 33.39
CA PHE C 26 -4.66 2.43 34.00
C PHE C 26 -4.60 2.12 35.47
N ILE C 27 -5.76 2.24 36.11
CA ILE C 27 -5.91 1.86 37.50
C ILE C 27 -6.93 0.74 37.64
N SER C 28 -6.71 -0.11 38.63
CA SER C 28 -7.69 -1.11 38.97
C SER C 28 -8.16 -0.84 40.39
N ILE C 29 -9.45 -0.50 40.50
CA ILE C 29 -10.06 -0.16 41.78
C ILE C 29 -10.93 -1.31 42.26
N ASN C 30 -10.73 -1.69 43.50
CA ASN C 30 -11.62 -2.60 44.22
C ASN C 30 -11.65 -2.21 45.71
N LYS C 31 -12.21 -3.07 46.55
CA LYS C 31 -12.28 -2.80 47.99
C LYS C 31 -10.90 -2.84 48.69
N GLN C 32 -9.92 -3.46 48.04
CA GLN C 32 -8.57 -3.55 48.59
C GLN C 32 -7.78 -2.26 48.33
N GLY C 33 -8.20 -1.51 47.31
CA GLY C 33 -7.60 -0.22 47.00
C GLY C 33 -7.45 0.04 45.52
N VAL C 34 -6.54 0.94 45.20
CA VAL C 34 -6.31 1.39 43.83
C VAL C 34 -4.91 1.00 43.40
N GLU C 35 -4.81 0.25 42.31
CA GLU C 35 -3.54 -0.26 41.81
C GLU C 35 -3.19 0.39 40.46
N SER C 36 -1.95 0.91 40.34
CA SER C 36 -1.44 1.50 39.10
C SER C 36 -0.72 0.48 38.23
N LEU C 37 -1.18 0.36 36.98
CA LEU C 37 -0.67 -0.61 36.01
C LEU C 37 -0.41 0.05 34.66
N ARG C 38 0.51 -0.51 33.89
CA ARG C 38 0.71 -0.11 32.51
C ARG C 38 0.67 -1.35 31.63
N TYR C 39 -0.14 -1.28 30.57
CA TYR C 39 -0.26 -2.38 29.63
C TYR C 39 0.11 -1.93 28.24
N ARG C 40 1.08 -2.62 27.65
CA ARG C 40 1.49 -2.37 26.28
C ARG C 40 1.09 -3.58 25.46
N HIS C 41 0.55 -3.33 24.27
CA HIS C 41 0.20 -4.41 23.35
C HIS C 41 0.67 -4.09 21.92
N ALA C 42 1.10 -5.14 21.22
CA ALA C 42 1.50 -5.02 19.82
C ALA C 42 1.26 -6.32 19.06
N ARG C 43 1.12 -6.21 17.74
CA ARG C 43 1.09 -7.37 16.87
C ARG C 43 2.28 -7.33 15.92
N LEU C 44 3.18 -8.29 16.07
CA LEU C 44 4.30 -8.43 15.14
C LEU C 44 4.22 -9.79 14.45
N ASP C 45 4.09 -9.75 13.12
CA ASP C 45 4.00 -10.95 12.28
C ASP C 45 2.83 -11.88 12.68
N ASN C 46 1.68 -11.25 12.94
CA ASN C 46 0.46 -11.97 13.35
C ASN C 46 0.58 -12.64 14.72
N ARG C 47 1.49 -12.12 15.53
CA ARG C 47 1.81 -12.68 16.84
C ARG C 47 1.59 -11.61 17.91
N PRO C 48 0.77 -11.91 18.94
CA PRO C 48 0.55 -10.94 20.03
C PRO C 48 1.78 -10.74 20.90
N LEU C 49 2.10 -9.47 21.15
CA LEU C 49 3.16 -9.10 22.09
C LEU C 49 2.54 -8.19 23.14
N ALA C 50 2.91 -8.39 24.39
CA ALA C 50 2.34 -7.61 25.50
C ALA C 50 3.25 -7.54 26.73
N GLN C 51 3.09 -6.46 27.48
CA GLN C 51 3.78 -6.25 28.76
C GLN C 51 2.78 -5.66 29.75
N LEU C 52 2.69 -6.25 30.94
CA LEU C 52 1.94 -5.67 32.04
C LEU C 52 2.94 -5.27 33.12
N LEU C 53 3.09 -3.96 33.31
CA LEU C 53 4.00 -3.46 34.31
C LEU C 53 3.24 -2.88 35.49
N GLN C 54 3.77 -3.17 36.67
CA GLN C 54 3.19 -2.69 37.88
C GLN C 54 4.11 -1.70 38.59
N MET C 55 3.68 -0.49 38.93
CA MET C 55 3.99 0.76 38.21
C MET C 55 4.51 1.43 39.51
N ASP C 56 3.93 0.98 40.63
CA ASP C 56 4.31 1.38 42.00
C ASP C 56 4.81 0.19 42.81
N GLY C 57 5.72 0.44 43.76
CA GLY C 57 6.26 -0.61 44.62
C GLY C 57 7.27 -1.48 43.88
N PRO C 58 7.35 -2.78 44.24
CA PRO C 58 8.27 -3.72 43.59
C PRO C 58 8.00 -3.87 42.09
N ARG C 59 9.07 -4.00 41.30
CA ARG C 59 8.94 -4.06 39.85
C ARG C 59 8.49 -5.45 39.36
N ARG C 60 7.21 -5.76 39.54
CA ARG C 60 6.61 -6.95 38.96
C ARG C 60 6.24 -6.68 37.52
N GLU C 61 6.70 -7.54 36.62
CA GLU C 61 6.36 -7.44 35.20
C GLU C 61 5.96 -8.79 34.61
N VAL C 62 4.94 -8.77 33.76
CA VAL C 62 4.47 -9.96 33.05
C VAL C 62 4.51 -9.66 31.56
N VAL C 63 5.18 -10.52 30.78
CA VAL C 63 5.26 -10.34 29.34
C VAL C 63 4.60 -11.50 28.59
N GLN C 64 4.02 -11.20 27.43
CA GLN C 64 3.46 -12.22 26.55
C GLN C 64 4.17 -12.18 25.19
N ARG C 65 4.63 -13.35 24.74
CA ARG C 65 5.12 -13.54 23.38
C ARG C 65 4.34 -14.70 22.75
N GLY C 66 3.40 -14.36 21.89
CA GLY C 66 2.46 -15.35 21.35
C GLY C 66 1.62 -15.92 22.47
N ASN C 67 2.10 -17.02 23.03
CA ASN C 67 1.27 -17.92 23.81
C ASN C 67 1.95 -18.35 25.10
N GLU C 68 3.15 -17.86 25.32
CA GLU C 68 3.74 -17.97 26.63
C GLU C 68 4.14 -16.58 27.12
N ILE C 69 4.36 -16.37 28.41
CA ILE C 69 3.50 -15.86 29.47
C ILE C 69 4.57 -15.89 30.58
N SER C 70 5.47 -14.90 30.55
CA SER C 70 6.67 -14.90 31.39
C SER C 70 6.58 -13.91 32.55
N TYR C 71 6.88 -14.39 33.76
CA TYR C 71 6.74 -13.60 34.99
C TYR C 71 8.08 -13.15 35.55
N PHE C 72 8.18 -11.85 35.82
CA PHE C 72 9.39 -11.23 36.34
C PHE C 72 9.08 -10.59 37.69
N GLU C 73 9.98 -10.78 38.66
CA GLU C 73 9.86 -10.15 39.97
C GLU C 73 11.23 -10.16 40.65
N PRO C 74 11.71 -8.98 41.10
CA PRO C 74 13.04 -8.88 41.71
C PRO C 74 13.22 -9.88 42.85
N GLY C 75 14.37 -10.54 42.87
CA GLY C 75 14.70 -11.52 43.91
C GLY C 75 14.24 -12.94 43.60
N LEU C 76 13.15 -13.07 42.84
CA LEU C 76 12.64 -14.39 42.45
C LEU C 76 13.07 -14.80 41.05
N GLU C 77 12.88 -16.10 40.76
CA GLU C 77 13.31 -16.70 39.50
C GLU C 77 12.24 -16.59 38.42
N PRO C 78 12.58 -15.93 37.29
CA PRO C 78 11.65 -15.78 36.17
C PRO C 78 11.14 -17.12 35.65
N PHE C 79 9.85 -17.20 35.37
CA PHE C 79 9.26 -18.44 34.84
C PHE C 79 8.20 -18.20 33.77
N THR C 80 8.08 -19.15 32.85
CA THR C 80 7.25 -19.03 31.67
C THR C 80 6.12 -20.07 31.69
N LEU C 81 4.89 -19.60 31.58
CA LEU C 81 3.70 -20.45 31.55
C LEU C 81 3.08 -20.35 30.16
N ASN C 82 2.10 -21.20 29.85
CA ASN C 82 1.32 -21.05 28.62
C ASN C 82 -0.01 -20.32 28.87
N GLY C 83 -0.38 -19.42 27.96
CA GLY C 83 -1.60 -18.63 28.07
C GLY C 83 -1.90 -17.76 26.87
N ASP C 84 -3.19 -17.48 26.65
CA ASP C 84 -3.64 -16.71 25.49
C ASP C 84 -3.48 -15.19 25.68
N TYR C 85 -3.60 -14.73 26.93
CA TYR C 85 -3.36 -13.33 27.30
C TYR C 85 -2.79 -13.22 28.71
N ILE C 86 -2.57 -11.99 29.17
CA ILE C 86 -2.12 -11.72 30.54
C ILE C 86 -3.33 -11.50 31.44
N VAL C 87 -3.48 -12.32 32.47
CA VAL C 87 -4.62 -12.22 33.40
C VAL C 87 -4.40 -11.08 34.42
N ASP C 88 -5.50 -10.44 34.82
CA ASP C 88 -5.48 -9.23 35.68
C ASP C 88 -4.79 -8.04 34.99
N SER C 89 -4.65 -8.15 33.68
CA SER C 89 -4.22 -7.07 32.81
C SER C 89 -5.48 -6.34 32.36
N LEU C 90 -5.84 -6.46 31.08
CA LEU C 90 -7.14 -6.02 30.58
C LEU C 90 -8.26 -6.87 31.21
N PRO C 91 -9.43 -6.27 31.50
CA PRO C 91 -10.55 -7.02 32.08
C PRO C 91 -10.97 -8.17 31.16
N SER C 92 -11.44 -9.26 31.75
CA SER C 92 -11.81 -10.49 31.01
C SER C 92 -13.02 -10.33 30.09
N LEU C 93 -13.86 -9.33 30.38
CA LEU C 93 -14.98 -8.93 29.53
C LEU C 93 -14.54 -8.52 28.11
N ILE C 94 -13.30 -8.04 27.97
CA ILE C 94 -12.77 -7.65 26.67
C ILE C 94 -12.51 -8.85 25.73
N TYR C 95 -12.32 -10.03 26.31
CA TYR C 95 -12.05 -11.22 25.53
C TYR C 95 -13.29 -12.09 25.31
N THR C 96 -14.47 -11.49 25.45
CA THR C 96 -15.72 -12.20 25.26
C THR C 96 -16.04 -12.41 23.77
N ASP C 97 -16.69 -13.53 23.47
CA ASP C 97 -17.39 -13.71 22.20
C ASP C 97 -18.81 -13.21 22.40
N PHE C 98 -19.02 -11.94 22.07
CA PHE C 98 -20.31 -11.26 22.25
C PHE C 98 -21.41 -11.79 21.33
N LYS C 99 -20.99 -12.49 20.27
CA LYS C 99 -21.91 -13.24 19.40
C LYS C 99 -22.58 -14.37 20.19
N ARG C 100 -21.79 -15.07 21.01
CA ARG C 100 -22.25 -16.19 21.82
C ARG C 100 -23.26 -15.73 22.87
N LEU C 101 -23.01 -14.56 23.45
CA LEU C 101 -23.79 -14.02 24.55
C LEU C 101 -25.18 -13.51 24.18
N SER C 102 -25.35 -13.04 22.94
CA SER C 102 -26.56 -12.28 22.55
C SER C 102 -27.95 -12.96 22.66
N PRO C 103 -28.03 -14.30 22.61
CA PRO C 103 -29.32 -14.95 22.89
C PRO C 103 -29.81 -14.82 24.35
N TYR C 104 -28.91 -14.54 25.27
CA TYR C 104 -29.26 -14.46 26.70
C TYR C 104 -28.68 -13.23 27.43
N TYR C 105 -27.92 -12.40 26.70
CA TYR C 105 -27.47 -11.09 27.21
C TYR C 105 -28.08 -9.95 26.43
N ASP C 106 -28.29 -8.83 27.13
CA ASP C 106 -28.69 -7.56 26.52
C ASP C 106 -27.50 -6.64 26.40
N PHE C 107 -27.35 -6.02 25.23
CA PHE C 107 -26.33 -5.00 25.06
C PHE C 107 -27.05 -3.66 24.92
N ILE C 108 -27.03 -2.90 26.02
CA ILE C 108 -27.83 -1.69 26.15
C ILE C 108 -26.95 -0.44 26.01
N SER C 109 -27.30 0.42 25.05
CA SER C 109 -26.62 1.69 24.87
C SER C 109 -27.16 2.71 25.87
N VAL C 110 -26.25 3.31 26.63
CA VAL C 110 -26.64 4.22 27.70
C VAL C 110 -26.06 5.64 27.43
N GLY C 111 -25.51 5.81 26.24
CA GLY C 111 -25.09 7.13 25.77
C GLY C 111 -23.60 7.26 25.56
N ARG C 112 -23.12 8.50 25.71
CA ARG C 112 -21.70 8.83 25.52
C ARG C 112 -21.20 9.82 26.58
N THR C 113 -19.94 9.65 26.98
CA THR C 113 -19.27 10.61 27.86
C THR C 113 -17.76 10.53 27.64
N ARG C 114 -16.99 11.35 28.36
CA ARG C 114 -15.53 11.28 28.26
C ARG C 114 -14.91 10.43 29.36
N ILE C 115 -13.91 9.62 28.99
CA ILE C 115 -12.97 9.01 29.93
C ILE C 115 -11.59 9.33 29.37
N ALA C 116 -10.68 9.79 30.23
CA ALA C 116 -9.32 10.18 29.84
C ALA C 116 -9.28 11.19 28.69
N ASP C 117 -10.21 12.15 28.72
CA ASP C 117 -10.37 13.19 27.68
C ASP C 117 -10.69 12.63 26.29
N ARG C 118 -11.24 11.41 26.27
CA ARG C 118 -11.63 10.77 25.02
C ARG C 118 -13.14 10.52 25.07
N LEU C 119 -13.80 10.79 23.96
CA LEU C 119 -15.24 10.53 23.82
C LEU C 119 -15.47 9.00 23.75
N CYS C 120 -16.42 8.51 24.55
CA CYS C 120 -16.65 7.08 24.72
C CYS C 120 -18.10 6.69 24.50
N GLU C 121 -18.31 5.51 23.91
CA GLU C 121 -19.63 4.89 23.88
C GLU C 121 -19.81 4.12 25.19
N VAL C 122 -20.97 4.30 25.81
CA VAL C 122 -21.26 3.67 27.10
C VAL C 122 -22.28 2.55 26.87
N ILE C 123 -21.95 1.34 27.31
CA ILE C 123 -22.74 0.14 27.04
C ILE C 123 -22.88 -0.76 28.28
N ARG C 124 -24.13 -1.10 28.61
CA ARG C 124 -24.43 -2.05 29.68
C ARG C 124 -24.56 -3.48 29.15
N VAL C 125 -23.86 -4.40 29.80
CA VAL C 125 -23.93 -5.82 29.45
C VAL C 125 -24.67 -6.56 30.57
N VAL C 126 -25.90 -6.96 30.28
CA VAL C 126 -26.78 -7.53 31.32
C VAL C 126 -27.40 -8.85 30.85
N ALA C 127 -27.31 -9.87 31.71
CA ALA C 127 -28.00 -11.14 31.51
C ALA C 127 -29.52 -10.99 31.65
N ARG C 128 -30.25 -11.46 30.64
CA ARG C 128 -31.71 -11.30 30.53
C ARG C 128 -32.50 -11.81 31.73
N ASP C 129 -32.10 -12.96 32.27
CA ASP C 129 -32.88 -13.58 33.36
C ASP C 129 -32.61 -13.03 34.77
N GLY C 130 -31.80 -11.96 34.85
CA GLY C 130 -31.52 -11.24 36.10
C GLY C 130 -30.75 -12.04 37.13
N THR C 131 -29.97 -12.99 36.65
CA THR C 131 -29.40 -14.03 37.48
C THR C 131 -27.91 -13.74 37.78
N ARG C 132 -27.30 -12.83 37.03
CA ARG C 132 -25.86 -12.57 37.10
C ARG C 132 -25.49 -11.13 37.44
N TYR C 133 -24.20 -10.95 37.76
CA TYR C 133 -23.58 -9.63 37.77
C TYR C 133 -23.62 -9.02 36.37
N SER C 134 -23.48 -7.70 36.31
CA SER C 134 -23.53 -6.97 35.04
C SER C 134 -22.24 -6.15 34.84
N TYR C 135 -21.93 -5.82 33.58
CA TYR C 135 -20.92 -4.80 33.25
C TYR C 135 -21.71 -3.51 33.01
N ILE C 136 -21.15 -2.33 33.22
CA ILE C 136 -20.79 -1.38 32.17
C ILE C 136 -19.39 -1.13 31.58
N VAL C 137 -19.42 -0.86 30.27
CA VAL C 137 -18.23 -0.56 29.45
C VAL C 137 -18.27 0.84 28.84
N TRP C 138 -17.17 1.57 28.99
CA TRP C 138 -16.91 2.80 28.25
C TRP C 138 -15.83 2.44 27.24
N MET C 139 -16.14 2.58 25.95
CA MET C 139 -15.15 2.29 24.91
C MET C 139 -14.85 3.52 24.06
N ASP C 140 -13.57 3.68 23.72
CA ASP C 140 -13.13 4.80 22.88
C ASP C 140 -13.83 4.78 21.51
N THR C 141 -14.49 5.88 21.18
CA THR C 141 -15.25 6.02 19.93
C THR C 141 -14.40 5.76 18.68
N GLU C 142 -13.18 6.32 18.68
CA GLU C 142 -12.26 6.19 17.53
C GLU C 142 -11.64 4.80 17.41
N SER C 143 -10.89 4.41 18.44
CA SER C 143 -10.10 3.18 18.41
C SER C 143 -10.88 1.93 18.83
N LYS C 144 -11.97 2.15 19.58
CA LYS C 144 -12.79 1.06 20.16
C LYS C 144 -12.14 0.38 21.38
N LEU C 145 -11.00 0.92 21.82
CA LEU C 145 -10.30 0.38 22.98
C LEU C 145 -11.12 0.63 24.25
N PRO C 146 -11.08 -0.32 25.21
CA PRO C 146 -11.80 -0.10 26.47
C PRO C 146 -11.17 0.99 27.33
N MET C 147 -12.00 1.89 27.84
CA MET C 147 -11.55 3.04 28.62
C MET C 147 -11.92 2.91 30.09
N ARG C 148 -13.06 2.31 30.35
CA ARG C 148 -13.49 2.01 31.71
C ARG C 148 -14.39 0.77 31.70
N VAL C 149 -14.21 -0.09 32.69
CA VAL C 149 -15.08 -1.25 32.87
C VAL C 149 -15.46 -1.38 34.34
N ASP C 150 -16.76 -1.36 34.62
CA ASP C 150 -17.29 -1.64 35.96
C ASP C 150 -17.98 -2.97 36.01
N LEU C 151 -17.59 -3.81 36.97
CA LEU C 151 -18.38 -4.98 37.31
C LEU C 151 -19.33 -4.61 38.44
N LEU C 152 -20.62 -4.88 38.21
CA LEU C 152 -21.66 -4.51 39.15
C LEU C 152 -22.36 -5.72 39.74
N ASP C 153 -22.46 -5.68 41.07
CA ASP C 153 -23.44 -6.36 41.90
C ASP C 153 -24.82 -6.27 41.28
N ARG C 154 -25.72 -7.17 41.65
CA ARG C 154 -27.12 -7.04 41.23
C ARG C 154 -27.84 -5.84 41.85
N ASP C 155 -27.33 -5.38 42.99
CA ASP C 155 -27.83 -4.17 43.64
C ASP C 155 -27.22 -2.90 43.05
N GLY C 156 -26.39 -3.07 42.03
CA GLY C 156 -25.79 -1.95 41.31
C GLY C 156 -24.53 -1.37 41.94
N GLU C 157 -24.11 -1.95 43.05
CA GLU C 157 -22.86 -1.55 43.70
C GLU C 157 -21.69 -2.12 42.89
N THR C 158 -20.61 -1.34 42.76
CA THR C 158 -19.49 -1.77 41.93
C THR C 158 -18.54 -2.68 42.72
N LEU C 159 -18.14 -3.77 42.08
CA LEU C 159 -17.27 -4.78 42.65
C LEU C 159 -15.83 -4.55 42.23
N GLU C 160 -15.65 -4.20 40.96
CA GLU C 160 -14.36 -3.89 40.39
C GLU C 160 -14.51 -2.76 39.39
N GLN C 161 -13.51 -1.90 39.33
CA GLN C 161 -13.45 -0.89 38.28
C GLN C 161 -12.08 -0.80 37.63
N PHE C 162 -12.09 -0.75 36.32
CA PHE C 162 -10.89 -0.50 35.57
C PHE C 162 -11.12 0.64 34.61
N ARG C 163 -10.12 1.44 34.27
CA ARG C 163 -10.05 2.89 34.36
C ARG C 163 -8.73 3.32 33.77
N VAL C 164 -8.74 3.54 32.45
CA VAL C 164 -7.57 4.13 31.81
C VAL C 164 -7.47 5.62 32.12
N ILE C 165 -6.22 6.05 32.27
CA ILE C 165 -5.87 7.38 32.74
C ILE C 165 -5.12 8.09 31.62
N ALA C 166 -4.20 7.35 31.02
CA ALA C 166 -3.49 7.77 29.83
C ALA C 166 -3.34 6.61 28.86
N PHE C 167 -3.18 6.98 27.60
CA PHE C 167 -3.67 6.24 26.47
C PHE C 167 -3.00 6.73 25.18
N ASN C 168 -2.41 5.79 24.47
CA ASN C 168 -1.71 6.05 23.22
C ASN C 168 -1.92 4.88 22.26
N VAL C 169 -2.32 5.20 21.03
CA VAL C 169 -2.37 4.21 19.94
C VAL C 169 -1.22 4.49 18.97
N ASN C 170 -0.43 3.47 18.66
CA ASN C 170 0.64 3.67 17.68
C ASN C 170 0.52 2.87 16.39
N GLN C 171 0.92 3.52 15.31
CA GLN C 171 0.88 2.98 13.97
C GLN C 171 2.03 2.00 13.80
N SER C 174 6.29 0.92 18.37
CA SER C 174 6.90 0.69 19.67
C SER C 174 8.30 0.09 19.53
N SER C 175 9.19 0.52 20.42
CA SER C 175 10.60 0.09 20.43
C SER C 175 10.94 -0.80 21.62
N SER C 176 10.09 -0.80 22.64
CA SER C 176 10.21 -1.72 23.78
C SER C 176 9.71 -3.12 23.39
N MET C 177 8.83 -3.15 22.40
CA MET C 177 8.28 -4.40 21.83
C MET C 177 9.27 -5.07 20.89
N GLN C 178 10.05 -4.27 20.18
CA GLN C 178 11.14 -4.76 19.32
C GLN C 178 12.19 -5.53 20.13
N THR C 179 12.30 -5.18 21.40
CA THR C 179 13.25 -5.81 22.33
C THR C 179 12.70 -7.12 22.91
N LEU C 180 11.39 -7.16 23.13
CA LEU C 180 10.70 -8.34 23.68
C LEU C 180 10.72 -9.51 22.69
N ALA C 181 10.44 -9.20 21.43
CA ALA C 181 10.46 -10.19 20.35
C ALA C 181 11.89 -10.64 20.03
N LYS C 182 12.86 -9.90 20.54
CA LYS C 182 14.28 -10.16 20.34
C LYS C 182 14.93 -10.77 21.60
N ALA C 183 14.12 -10.99 22.63
CA ALA C 183 14.58 -11.62 23.88
C ALA C 183 14.19 -13.09 23.96
N LYS C 198 -18.14 -38.86 35.55
CA LYS C 198 -19.47 -39.45 35.61
C LYS C 198 -19.96 -39.49 37.05
N PHE C 199 -20.96 -38.65 37.33
CA PHE C 199 -21.43 -38.42 38.71
C PHE C 199 -22.84 -38.96 38.98
N SER C 200 -23.12 -39.19 40.27
CA SER C 200 -24.44 -39.59 40.74
C SER C 200 -25.37 -38.38 40.93
N TRP C 201 -24.88 -37.21 40.58
CA TRP C 201 -25.61 -35.96 40.78
C TRP C 201 -25.56 -35.04 39.57
N THR C 202 -26.68 -34.39 39.28
CA THR C 202 -26.74 -33.32 38.29
C THR C 202 -27.44 -32.13 38.92
N PRO C 203 -27.02 -30.92 38.53
CA PRO C 203 -27.87 -29.79 38.83
C PRO C 203 -28.77 -29.25 37.70
N THR C 204 -29.98 -28.80 38.00
CA THR C 204 -31.24 -29.46 37.72
C THR C 204 -31.82 -28.10 37.26
N TRP C 205 -31.34 -27.05 37.95
CA TRP C 205 -31.52 -25.65 37.57
C TRP C 205 -30.19 -24.92 37.34
N LEU C 206 -30.04 -24.35 36.14
CA LEU C 206 -28.91 -23.51 35.80
C LEU C 206 -29.42 -22.25 35.13
N PRO C 207 -28.76 -21.09 35.38
CA PRO C 207 -29.16 -19.88 34.65
C PRO C 207 -28.96 -20.10 33.14
N GLN C 208 -29.79 -19.45 32.33
N GLN C 208 -29.79 -19.42 32.34
CA GLN C 208 -29.80 -19.68 30.87
CA GLN C 208 -29.79 -19.61 30.88
C GLN C 208 -28.51 -19.21 30.21
C GLN C 208 -28.47 -19.21 30.24
N GLY C 209 -27.90 -20.12 29.45
CA GLY C 209 -26.64 -19.85 28.77
C GLY C 209 -25.41 -20.51 29.37
N PHE C 210 -25.50 -20.93 30.62
CA PHE C 210 -24.41 -21.68 31.25
C PHE C 210 -24.37 -23.11 30.70
N SER C 211 -23.18 -23.56 30.33
CA SER C 211 -22.96 -24.96 30.01
C SER C 211 -21.68 -25.49 30.66
N GLU C 212 -21.61 -26.81 30.83
CA GLU C 212 -20.50 -27.49 31.48
C GLU C 212 -19.24 -27.43 30.61
N VAL C 213 -18.13 -26.99 31.21
CA VAL C 213 -16.84 -26.92 30.52
C VAL C 213 -16.04 -28.20 30.74
N SER C 214 -15.98 -28.62 31.99
CA SER C 214 -15.26 -29.81 32.38
C SER C 214 -15.86 -30.35 33.68
N SER C 215 -15.51 -31.58 34.00
CA SER C 215 -15.89 -32.21 35.25
C SER C 215 -14.73 -33.09 35.71
N SER C 216 -14.38 -32.97 37.00
CA SER C 216 -13.22 -33.66 37.53
C SER C 216 -13.48 -34.22 38.92
N ARG C 217 -12.72 -35.23 39.29
CA ARG C 217 -12.73 -35.79 40.63
C ARG C 217 -11.30 -35.84 41.11
N ARG C 218 -11.03 -35.16 42.21
CA ARG C 218 -9.68 -35.08 42.79
C ARG C 218 -9.74 -35.38 44.29
N PRO C 219 -8.65 -35.93 44.85
CA PRO C 219 -8.60 -36.05 46.31
C PRO C 219 -8.44 -34.69 46.99
N LEU C 220 -9.09 -34.52 48.14
CA LEU C 220 -8.85 -33.33 48.96
C LEU C 220 -7.52 -33.52 49.71
N PRO C 221 -6.83 -32.40 50.05
CA PRO C 221 -5.58 -32.55 50.79
C PRO C 221 -5.83 -32.78 52.28
N THR C 222 -6.33 -33.96 52.60
CA THR C 222 -6.66 -34.35 53.96
C THR C 222 -6.12 -35.76 54.22
N MET C 223 -6.10 -36.18 55.48
CA MET C 223 -5.58 -37.51 55.86
C MET C 223 -6.37 -38.65 55.24
N ASP C 224 -7.69 -38.49 55.20
CA ASP C 224 -8.55 -39.28 54.36
C ASP C 224 -8.59 -38.53 53.05
N ASN C 225 -8.09 -39.13 51.98
CA ASN C 225 -8.03 -38.43 50.70
C ASN C 225 -9.41 -38.35 50.05
N MET C 226 -10.33 -37.74 50.78
CA MET C 226 -11.73 -37.62 50.42
C MET C 226 -11.87 -36.98 49.03
N PRO C 227 -12.65 -37.61 48.15
CA PRO C 227 -12.86 -37.09 46.82
C PRO C 227 -13.82 -35.90 46.80
N ILE C 228 -13.52 -34.92 45.95
CA ILE C 228 -14.45 -33.84 45.66
C ILE C 228 -14.74 -33.90 44.16
N GLU C 229 -16.03 -33.91 43.84
CA GLU C 229 -16.49 -33.97 42.46
C GLU C 229 -16.88 -32.56 42.04
N SER C 230 -16.29 -32.10 40.94
CA SER C 230 -16.49 -30.75 40.45
C SER C 230 -17.02 -30.73 39.03
N ARG C 231 -17.89 -29.78 38.75
CA ARG C 231 -18.31 -29.44 37.39
C ARG C 231 -18.13 -27.94 37.20
N LEU C 232 -17.35 -27.58 36.18
CA LEU C 232 -17.14 -26.19 35.82
C LEU C 232 -18.13 -25.70 34.76
N TYR C 233 -18.72 -24.53 35.00
CA TYR C 233 -19.73 -23.94 34.11
C TYR C 233 -19.33 -22.56 33.63
N SER C 234 -19.68 -22.24 32.39
CA SER C 234 -19.44 -20.92 31.82
C SER C 234 -20.56 -20.53 30.85
N ASP C 235 -20.90 -19.25 30.81
CA ASP C 235 -21.87 -18.71 29.85
C ASP C 235 -21.14 -17.91 28.78
N GLY C 236 -19.82 -17.93 28.86
CA GLY C 236 -18.96 -17.22 27.92
C GLY C 236 -18.43 -15.94 28.51
N LEU C 237 -18.97 -15.56 29.67
CA LEU C 237 -18.56 -14.34 30.37
C LEU C 237 -18.24 -14.60 31.85
N PHE C 238 -19.17 -15.24 32.55
CA PHE C 238 -18.99 -15.63 33.94
C PHE C 238 -18.79 -17.13 34.07
N SER C 239 -18.11 -17.55 35.14
CA SER C 239 -17.86 -18.96 35.40
C SER C 239 -18.00 -19.30 36.87
N PHE C 240 -18.30 -20.57 37.15
CA PHE C 240 -18.46 -21.08 38.51
C PHE C 240 -18.33 -22.58 38.48
N SER C 241 -17.94 -23.16 39.62
CA SER C 241 -17.93 -24.61 39.73
C SER C 241 -18.94 -25.07 40.78
N VAL C 242 -19.46 -26.27 40.57
CA VAL C 242 -20.35 -26.96 41.49
C VAL C 242 -19.55 -28.15 42.01
N ASN C 243 -19.28 -28.18 43.30
CA ASN C 243 -18.50 -29.25 43.90
C ASN C 243 -19.28 -30.03 44.97
N VAL C 244 -19.16 -31.35 44.93
CA VAL C 244 -19.87 -32.23 45.85
C VAL C 244 -18.90 -33.22 46.49
N ASN C 245 -18.82 -33.20 47.83
CA ASN C 245 -18.17 -34.25 48.59
C ASN C 245 -19.11 -34.81 49.67
N ARG C 246 -18.72 -35.93 50.28
CA ARG C 246 -19.45 -36.49 51.42
C ARG C 246 -19.43 -35.48 52.55
N ALA C 247 -20.56 -35.31 53.23
CA ALA C 247 -20.61 -34.42 54.39
C ALA C 247 -19.89 -35.02 55.60
N THR C 248 -19.10 -34.17 56.25
CA THR C 248 -18.39 -34.50 57.48
C THR C 248 -19.06 -33.77 58.63
N PRO C 249 -18.73 -34.13 59.90
CA PRO C 249 -19.22 -33.33 61.02
C PRO C 249 -18.84 -31.84 60.97
N SER C 250 -17.83 -31.46 60.18
CA SER C 250 -17.41 -30.06 60.05
C SER C 250 -18.17 -29.29 58.96
N SER C 251 -18.94 -30.01 58.13
CA SER C 251 -19.72 -29.41 57.05
C SER C 251 -20.78 -28.47 57.61
N THR C 252 -20.78 -27.22 57.12
CA THR C 252 -21.72 -26.21 57.59
C THR C 252 -22.25 -25.40 56.40
N ASP C 253 -23.47 -24.89 56.53
CA ASP C 253 -24.02 -23.89 55.62
C ASP C 253 -23.32 -22.55 55.82
N GLN C 254 -22.70 -22.04 54.77
CA GLN C 254 -22.04 -20.73 54.79
C GLN C 254 -22.20 -20.03 53.46
N MET C 255 -22.09 -18.71 53.50
CA MET C 255 -22.13 -17.88 52.31
C MET C 255 -21.09 -16.78 52.48
N LEU C 256 -20.00 -16.86 51.71
CA LEU C 256 -18.98 -15.82 51.74
C LEU C 256 -18.74 -15.17 50.38
N ARG C 257 -18.70 -13.84 50.37
CA ARG C 257 -18.53 -13.06 49.16
C ARG C 257 -17.30 -12.18 49.33
N THR C 258 -16.33 -12.30 48.44
CA THR C 258 -15.07 -11.55 48.63
C THR C 258 -14.88 -10.42 47.64
N GLY C 259 -15.59 -10.48 46.50
CA GLY C 259 -15.59 -9.39 45.53
C GLY C 259 -16.43 -9.97 44.44
N ARG C 260 -15.77 -10.38 43.36
CA ARG C 260 -16.41 -11.13 42.30
C ARG C 260 -16.80 -12.53 42.80
N ARG C 261 -15.92 -13.09 43.63
CA ARG C 261 -16.05 -14.48 44.08
C ARG C 261 -17.05 -14.68 45.20
N THR C 262 -18.02 -15.54 44.93
CA THR C 262 -18.96 -16.04 45.92
C THR C 262 -18.60 -17.49 46.25
N VAL C 263 -18.61 -17.84 47.54
CA VAL C 263 -18.50 -19.23 47.96
C VAL C 263 -19.72 -19.60 48.79
N SER C 264 -20.49 -20.55 48.28
CA SER C 264 -21.72 -20.97 48.93
C SER C 264 -21.63 -22.43 49.30
N THR C 265 -21.75 -22.73 50.59
CA THR C 265 -21.76 -24.10 51.08
C THR C 265 -23.13 -24.41 51.66
N SER C 266 -23.65 -25.58 51.30
CA SER C 266 -24.87 -26.10 51.90
C SER C 266 -24.75 -27.60 52.16
N VAL C 267 -25.41 -28.07 53.21
CA VAL C 267 -25.36 -29.48 53.57
C VAL C 267 -26.74 -30.10 53.40
N ARG C 268 -26.88 -30.92 52.38
CA ARG C 268 -28.12 -31.61 52.07
C ARG C 268 -27.85 -33.10 52.03
N ASP C 269 -28.73 -33.86 52.69
CA ASP C 269 -28.61 -35.31 52.76
C ASP C 269 -27.29 -35.67 53.43
N ASN C 270 -26.41 -36.33 52.68
CA ASN C 270 -25.11 -36.70 53.18
C ASN C 270 -24.03 -36.03 52.36
N ALA C 271 -24.39 -34.90 51.74
CA ALA C 271 -23.50 -34.21 50.81
C ALA C 271 -23.21 -32.79 51.25
N GLU C 272 -21.96 -32.37 51.03
CA GLU C 272 -21.55 -30.98 51.12
C GLU C 272 -21.44 -30.39 49.71
N ILE C 273 -22.44 -29.59 49.35
CA ILE C 273 -22.47 -28.92 48.06
C ILE C 273 -21.82 -27.56 48.21
N THR C 274 -20.77 -27.31 47.43
CA THR C 274 -20.13 -26.00 47.42
C THR C 274 -20.10 -25.39 46.02
N ILE C 275 -20.62 -24.18 45.92
CA ILE C 275 -20.64 -23.40 44.68
C ILE C 275 -19.63 -22.27 44.77
N VAL C 276 -18.73 -22.20 43.80
CA VAL C 276 -17.63 -21.23 43.80
C VAL C 276 -17.56 -20.44 42.48
N GLY C 277 -17.67 -19.11 42.53
CA GLY C 277 -17.42 -18.28 41.36
C GLY C 277 -18.21 -17.00 41.27
N GLU C 278 -18.35 -16.49 40.04
CA GLU C 278 -18.90 -15.14 39.77
C GLU C 278 -20.42 -15.13 39.77
N LEU C 279 -21.04 -15.35 40.93
CA LEU C 279 -22.50 -15.45 41.00
C LEU C 279 -23.04 -14.68 42.18
N PRO C 280 -24.16 -13.96 41.99
CA PRO C 280 -24.89 -13.47 43.17
C PRO C 280 -25.23 -14.64 44.12
N PRO C 281 -25.18 -14.39 45.46
CA PRO C 281 -25.48 -15.42 46.47
C PRO C 281 -26.82 -16.15 46.28
N GLN C 282 -27.87 -15.40 45.96
CA GLN C 282 -29.20 -15.94 45.74
C GLN C 282 -29.24 -16.97 44.61
N THR C 283 -28.48 -16.72 43.54
CA THR C 283 -28.44 -17.68 42.43
C THR C 283 -27.52 -18.88 42.67
N ALA C 284 -26.41 -18.67 43.39
CA ALA C 284 -25.57 -19.78 43.86
C ALA C 284 -26.37 -20.74 44.75
N LYS C 285 -27.17 -20.17 45.64
CA LYS C 285 -28.05 -20.92 46.54
C LYS C 285 -29.12 -21.73 45.78
N ARG C 286 -29.65 -21.16 44.71
CA ARG C 286 -30.65 -21.81 43.88
C ARG C 286 -30.09 -23.04 43.11
N ILE C 287 -28.86 -22.91 42.61
CA ILE C 287 -28.17 -24.02 41.94
C ILE C 287 -27.98 -25.20 42.90
N ALA C 288 -27.55 -24.92 44.13
CA ALA C 288 -27.31 -25.94 45.13
C ALA C 288 -28.57 -26.70 45.60
N GLU C 289 -29.67 -25.99 45.80
CA GLU C 289 -30.90 -26.63 46.27
C GLU C 289 -31.67 -27.35 45.16
N ASN C 290 -31.16 -27.23 43.93
CA ASN C 290 -31.72 -27.96 42.80
C ASN C 290 -30.79 -29.04 42.24
N ILE C 291 -29.74 -29.36 43.00
CA ILE C 291 -28.92 -30.51 42.67
C ILE C 291 -29.65 -31.80 43.04
N LYS C 292 -29.71 -32.70 42.07
CA LYS C 292 -30.46 -33.96 42.16
C LYS C 292 -29.48 -35.13 42.27
N PHE C 293 -29.67 -35.96 43.30
CA PHE C 293 -28.84 -37.16 43.50
C PHE C 293 -29.67 -38.42 43.23
N GLY C 294 -29.67 -38.88 41.99
CA GLY C 294 -30.40 -40.10 41.62
C GLY C 294 -31.86 -39.87 41.28
N ALA C 295 -32.68 -40.91 41.45
CA ALA C 295 -34.06 -40.96 40.94
C ALA C 295 -35.07 -39.96 41.54
N ALA C 296 -34.76 -39.39 42.70
CA ALA C 296 -35.61 -38.37 43.33
C ALA C 296 -34.81 -37.29 44.04
#